data_6HD5
#
_entry.id   6HD5
#
loop_
_entity.id
_entity.type
_entity.pdbx_description
1 polymer 'N-terminal acetyltransferase A complex subunit NAT1'
2 polymer 'N-terminal acetyltransferase A complex catalytic subunit ARD1'
3 polymer 'N-alpha-acetyltransferase NAT5'
#
loop_
_entity_poly.entity_id
_entity_poly.type
_entity_poly.pdbx_seq_one_letter_code
_entity_poly.pdbx_strand_id
1 'polypeptide(L)'
;MSRKRSTKPKPAAKIALKKENDQFLEALKLYEGKQYKKSLKLLDAILKKDGSHVDSLALKGLDLYSVGEKDDAASYVANA
IRKIEGASASPICCHVLGIYMRNTKEYKESIKWFTAALNNGSTNKQIYRDLATLQSQIGDFKNALVSRKKYWEAFLGYRA
NWTSLAVAQDVNGERQQAINTLSQFEKLAEGKISDSEKYEHSECLMYKNDIMYKAASDNQDKLQNVLKHLNDIEPCVFDK
FGLLERKATIYMKLGQLKDASIVYRTLIKRNPDNFKYYKLLEVSLGIQGDNKLKKALYGKLEQFYPRCEPPKFIPLTFLQ
DKEELSKKLREYVLPQLERGVPATFSNVKPLYQRRKSKVSPLLEKIVLDYLSGLDPTQDPIPFIWTNYYLSQHFLFLKDF
PKAQEYIDAALDHTPTLVEFYILKARILKHLGLMDTAAGILEEGRQLDLQDRFINCKTVKYFLRANNIDKAVEVASLFTK
NDDSVNGIKDLHLVEASWFIVEQAEAYYRLYLDRKKKLDDLASLKKEVESDKSEQIANDIKENQWLVRKYKGLALKRFNA
IPKFYKQFEDDQLDFHSYCMRKGTPRAYLEMLEWGKALYTKPMYVRAMKEASKLYFQMHDDRLKRKSDSLDENSDEIQNN
GQNSSSQKKKAKKEAAAMNKRKETEAKSVAAYPSDQDNDVFGEKLIETSTPMEDFATEFYNNYSMQVREDERDYILDFEF
NYRIGKLALCFASLNKFAKRFGTTSGLFGSMAIVLLHATRNDTPFDPILKKVVTKSLEKEYSENFPLNEISNNSFDWLNF
YQEKFGKNDINGLLFLYRYRDDVPIGSSNLKEMIISSLSPLEPHSQNEILQYYL
;
t
2 'polypeptide(L)'
;MPINIRRATINDIICMQNANLHNLPENYMMKYYMYHILSWPEASFVATTTTLDCEDSDEQDENDKLELTLDGTNDGRTIK
LDPTYLAPGEKLVGYVLVKMNDDPDQQNEPPNGHITSLSVMRTYRRMGIAENLMRQALFALREVHQAEYVSLHVRQSNRA
ALHLYRDTLAFEVLSIEKSYYQDGEDAYAMKKVLKLEELQISNFTHRRLKENEEKLEDDLESDLLEDIIKQGVNDIIV
;
u
3 'polypeptide(L)'
;MGRDICTLDNVYANNLGMLTKLAHVTVPNLYQDAFFSALFAEDSLVAKNKKPSSKKDVHFTQMAYYSEIPVGGLVAKLVP
KKQNELSLKGIQIEFLGVLPNYRHKSIGSKLLKFAEDKCSECHQHNVFVYLPAVDDLTKQWFIAHGFEQVGETVNNFIKG
VNGDEQDAILLKKHIS
;
v
#
# COMPACT_ATOMS: atom_id res chain seq x y z
N LEU A 17 -23.76 56.28 -4.55
CA LEU A 17 -23.41 55.23 -3.60
C LEU A 17 -24.09 55.48 -2.25
N LYS A 18 -25.28 54.93 -2.08
CA LYS A 18 -26.04 55.09 -0.84
C LYS A 18 -26.93 53.88 -0.58
N LYS A 19 -27.84 53.59 -1.51
CA LYS A 19 -28.74 52.46 -1.34
C LYS A 19 -28.08 51.13 -1.68
N GLU A 20 -27.09 51.14 -2.59
CA GLU A 20 -26.41 49.90 -2.95
C GLU A 20 -25.62 49.34 -1.76
N ASN A 21 -24.99 50.22 -0.99
CA ASN A 21 -24.26 49.76 0.19
C ASN A 21 -25.23 49.19 1.24
N ASP A 22 -26.39 49.81 1.41
CA ASP A 22 -27.37 49.29 2.34
C ASP A 22 -27.89 47.93 1.90
N GLN A 23 -28.16 47.77 0.61
CA GLN A 23 -28.61 46.47 0.10
C GLN A 23 -27.53 45.41 0.26
N PHE A 24 -26.27 45.79 0.04
CA PHE A 24 -25.17 44.83 0.23
C PHE A 24 -25.04 44.42 1.69
N LEU A 25 -25.18 45.38 2.61
CA LEU A 25 -25.11 45.07 4.03
C LEU A 25 -26.29 44.20 4.47
N GLU A 26 -27.47 44.42 3.88
CA GLU A 26 -28.62 43.60 4.23
C GLU A 26 -28.57 42.21 3.60
N ALA A 27 -27.85 42.06 2.49
CA ALA A 27 -27.70 40.76 1.85
C ALA A 27 -26.51 39.97 2.39
N LEU A 28 -25.56 40.63 3.04
CA LEU A 28 -24.41 39.92 3.59
C LEU A 28 -24.82 38.90 4.65
N LYS A 29 -25.91 39.17 5.37
CA LYS A 29 -26.37 38.22 6.39
C LYS A 29 -26.87 36.92 5.77
N LEU A 30 -27.29 36.95 4.50
CA LEU A 30 -27.70 35.71 3.82
C LEU A 30 -26.49 34.82 3.55
N TYR A 31 -25.36 35.43 3.15
CA TYR A 31 -24.13 34.65 3.00
C TYR A 31 -23.54 34.25 4.34
N GLU A 32 -23.77 35.05 5.38
CA GLU A 32 -23.26 34.69 6.71
C GLU A 32 -23.91 33.42 7.23
N GLY A 33 -25.18 33.20 6.93
CA GLY A 33 -25.87 31.99 7.36
C GLY A 33 -25.77 30.87 6.35
N LYS A 34 -26.87 30.18 6.11
CA LYS A 34 -26.94 29.07 5.16
C LYS A 34 -27.96 29.36 4.06
N GLN A 35 -27.76 30.45 3.34
CA GLN A 35 -28.65 30.86 2.27
C GLN A 35 -27.83 31.22 1.04
N TYR A 36 -28.28 30.80 -0.13
CA TYR A 36 -27.59 31.08 -1.38
C TYR A 36 -28.50 31.63 -2.47
N LYS A 37 -29.69 31.05 -2.65
CA LYS A 37 -30.60 31.54 -3.68
C LYS A 37 -31.13 32.93 -3.34
N LYS A 38 -31.45 33.17 -2.07
CA LYS A 38 -31.94 34.48 -1.67
C LYS A 38 -30.87 35.56 -1.84
N SER A 39 -29.60 35.20 -1.63
CA SER A 39 -28.52 36.16 -1.84
C SER A 39 -28.27 36.38 -3.32
N LEU A 40 -28.34 35.31 -4.12
CA LEU A 40 -28.14 35.44 -5.56
C LEU A 40 -29.23 36.30 -6.20
N LYS A 41 -30.47 36.15 -5.73
CA LYS A 41 -31.56 36.98 -6.25
C LYS A 41 -31.34 38.45 -5.94
N LEU A 42 -30.90 38.75 -4.72
CA LEU A 42 -30.63 40.13 -4.35
C LEU A 42 -29.45 40.69 -5.15
N LEU A 43 -28.41 39.89 -5.36
CA LEU A 43 -27.28 40.35 -6.17
C LEU A 43 -27.70 40.61 -7.61
N ASP A 44 -28.57 39.76 -8.17
CA ASP A 44 -29.05 39.98 -9.52
C ASP A 44 -29.92 41.24 -9.60
N ALA A 45 -30.76 41.46 -8.58
CA ALA A 45 -31.57 42.67 -8.56
C ALA A 45 -30.72 43.93 -8.43
N ILE A 46 -29.61 43.84 -7.70
CA ILE A 46 -28.71 44.98 -7.59
C ILE A 46 -27.99 45.23 -8.90
N LEU A 47 -27.49 44.17 -9.53
CA LEU A 47 -26.76 44.31 -10.79
C LEU A 47 -27.67 44.75 -11.94
N LYS A 48 -28.97 44.47 -11.86
CA LYS A 48 -29.88 44.90 -12.92
C LYS A 48 -30.01 46.41 -12.95
N LYS A 49 -29.79 47.09 -11.83
CA LYS A 49 -29.86 48.54 -11.79
C LYS A 49 -28.50 49.20 -11.97
N ASP A 50 -27.42 48.54 -11.58
CA ASP A 50 -26.07 49.09 -11.72
C ASP A 50 -25.10 47.92 -11.82
N GLY A 51 -24.57 47.70 -13.03
CA GLY A 51 -23.63 46.63 -13.27
C GLY A 51 -22.19 46.92 -12.91
N SER A 52 -21.87 48.15 -12.49
CA SER A 52 -20.52 48.53 -12.12
C SER A 52 -20.30 48.47 -10.61
N HIS A 53 -20.88 47.47 -9.95
CA HIS A 53 -20.74 47.31 -8.51
C HIS A 53 -19.73 46.19 -8.26
N VAL A 54 -18.58 46.55 -7.66
CA VAL A 54 -17.51 45.57 -7.48
C VAL A 54 -17.86 44.57 -6.40
N ASP A 55 -18.48 45.04 -5.30
CA ASP A 55 -18.80 44.15 -4.19
C ASP A 55 -19.82 43.10 -4.61
N SER A 56 -20.84 43.51 -5.37
CA SER A 56 -21.87 42.57 -5.81
C SER A 56 -21.28 41.50 -6.72
N LEU A 57 -20.41 41.90 -7.65
CA LEU A 57 -19.79 40.93 -8.55
C LEU A 57 -18.87 39.98 -7.78
N ALA A 58 -18.10 40.52 -6.82
CA ALA A 58 -17.20 39.67 -6.05
C ALA A 58 -17.97 38.68 -5.18
N LEU A 59 -19.14 39.09 -4.68
CA LEU A 59 -19.96 38.16 -3.90
C LEU A 59 -20.63 37.13 -4.79
N LYS A 60 -21.10 37.55 -5.96
CA LYS A 60 -21.76 36.63 -6.89
C LYS A 60 -20.79 35.58 -7.42
N GLY A 61 -19.53 35.96 -7.64
CA GLY A 61 -18.55 34.98 -8.08
C GLY A 61 -18.37 33.86 -7.08
N LEU A 62 -18.20 34.23 -5.80
CA LEU A 62 -18.03 33.22 -4.77
C LEU A 62 -19.31 32.41 -4.57
N ASP A 63 -20.48 33.05 -4.71
CA ASP A 63 -21.73 32.34 -4.56
C ASP A 63 -21.91 31.31 -5.67
N LEU A 64 -21.51 31.65 -6.90
CA LEU A 64 -21.61 30.70 -8.00
C LEU A 64 -20.53 29.62 -7.92
N TYR A 65 -19.38 29.94 -7.32
CA TYR A 65 -18.35 28.93 -7.14
C TYR A 65 -18.71 27.95 -6.02
N SER A 66 -19.48 28.41 -5.03
CA SER A 66 -19.83 27.55 -3.91
C SER A 66 -21.01 26.62 -4.20
N VAL A 67 -21.75 26.87 -5.29
CA VAL A 67 -22.90 26.03 -5.62
C VAL A 67 -22.59 24.97 -6.67
N GLY A 68 -21.56 25.17 -7.48
CA GLY A 68 -21.20 24.18 -8.48
C GLY A 68 -20.64 24.76 -9.76
N GLU A 69 -21.07 25.98 -10.11
CA GLU A 69 -20.60 26.60 -11.33
C GLU A 69 -19.14 27.00 -11.20
N LYS A 70 -18.41 26.89 -12.33
CA LYS A 70 -17.00 27.21 -12.35
C LYS A 70 -16.69 28.28 -13.39
N ASP A 71 -17.20 28.10 -14.61
CA ASP A 71 -16.93 29.04 -15.69
C ASP A 71 -17.52 30.41 -15.39
N ASP A 72 -18.80 30.46 -15.03
CA ASP A 72 -19.44 31.74 -14.73
C ASP A 72 -18.82 32.39 -13.50
N ALA A 73 -18.49 31.59 -12.49
CA ALA A 73 -17.85 32.14 -11.30
C ALA A 73 -16.50 32.76 -11.63
N ALA A 74 -15.68 32.05 -12.41
CA ALA A 74 -14.38 32.58 -12.81
C ALA A 74 -14.53 33.84 -13.65
N SER A 75 -15.55 33.87 -14.53
CA SER A 75 -15.77 35.05 -15.35
C SER A 75 -16.16 36.26 -14.49
N TYR A 76 -17.06 36.06 -13.53
CA TYR A 76 -17.46 37.16 -12.66
C TYR A 76 -16.29 37.62 -11.78
N VAL A 77 -15.46 36.69 -11.32
CA VAL A 77 -14.31 37.07 -10.52
C VAL A 77 -13.31 37.87 -11.35
N ALA A 78 -13.08 37.44 -12.60
CA ALA A 78 -12.17 38.18 -13.47
C ALA A 78 -12.72 39.56 -13.78
N ASN A 79 -14.04 39.67 -13.98
CA ASN A 79 -14.64 40.98 -14.21
C ASN A 79 -14.49 41.88 -13.00
N ALA A 80 -14.71 41.33 -11.80
CA ALA A 80 -14.55 42.13 -10.58
C ALA A 80 -13.11 42.58 -10.40
N ILE A 81 -12.15 41.73 -10.76
CA ILE A 81 -10.74 42.11 -10.66
C ILE A 81 -10.43 43.20 -11.66
N ARG A 82 -10.94 43.09 -12.90
CA ARG A 82 -10.70 44.10 -13.91
C ARG A 82 -11.36 45.43 -13.57
N LYS A 83 -12.47 45.41 -12.82
CA LYS A 83 -13.15 46.63 -12.40
C LYS A 83 -12.56 47.24 -11.13
N ILE A 84 -11.27 47.03 -10.87
CA ILE A 84 -10.59 47.58 -9.72
C ILE A 84 -9.31 48.27 -10.19
N GLU A 85 -9.17 49.55 -9.85
CA GLU A 85 -8.00 50.34 -10.22
C GLU A 85 -7.00 50.49 -9.08
N GLY A 86 -7.40 51.14 -8.00
CA GLY A 86 -6.55 51.35 -6.83
C GLY A 86 -6.97 50.41 -5.71
N ALA A 87 -6.26 50.50 -4.59
CA ALA A 87 -6.52 49.67 -3.42
C ALA A 87 -7.18 50.52 -2.34
N SER A 88 -8.43 50.91 -2.59
CA SER A 88 -9.20 51.72 -1.65
C SER A 88 -10.68 51.42 -1.88
N ALA A 89 -11.19 50.44 -1.15
CA ALA A 89 -12.59 50.04 -1.26
C ALA A 89 -13.03 49.45 0.08
N SER A 90 -14.15 48.73 0.07
CA SER A 90 -14.67 48.13 1.28
C SER A 90 -13.86 46.86 1.61
N PRO A 91 -13.59 46.61 2.90
CA PRO A 91 -12.83 45.40 3.26
C PRO A 91 -13.61 44.11 3.05
N ILE A 92 -14.94 44.18 2.95
CA ILE A 92 -15.74 42.98 2.74
C ILE A 92 -15.45 42.38 1.38
N CYS A 93 -15.29 43.23 0.36
CA CYS A 93 -14.97 42.73 -0.97
C CYS A 93 -13.60 42.05 -0.98
N CYS A 94 -12.61 42.64 -0.33
CA CYS A 94 -11.29 42.03 -0.28
C CYS A 94 -11.33 40.72 0.51
N HIS A 95 -12.14 40.66 1.57
CA HIS A 95 -12.26 39.42 2.33
C HIS A 95 -12.91 38.32 1.49
N VAL A 96 -13.95 38.67 0.73
CA VAL A 96 -14.59 37.68 -0.14
C VAL A 96 -13.62 37.21 -1.23
N LEU A 97 -12.84 38.13 -1.79
CA LEU A 97 -11.87 37.74 -2.80
C LEU A 97 -10.80 36.84 -2.21
N GLY A 98 -10.38 37.11 -0.98
CA GLY A 98 -9.41 36.24 -0.33
C GLY A 98 -9.97 34.86 -0.06
N ILE A 99 -11.24 34.79 0.38
CA ILE A 99 -11.88 33.50 0.57
C ILE A 99 -11.96 32.74 -0.75
N TYR A 100 -12.31 33.43 -1.83
CA TYR A 100 -12.38 32.78 -3.14
C TYR A 100 -11.02 32.25 -3.57
N MET A 101 -9.96 33.06 -3.40
CA MET A 101 -8.62 32.61 -3.77
C MET A 101 -8.18 31.44 -2.92
N ARG A 102 -8.55 31.43 -1.64
CA ARG A 102 -8.23 30.30 -0.77
C ARG A 102 -8.98 29.05 -1.19
N ASN A 103 -10.20 29.20 -1.72
CA ASN A 103 -10.98 28.06 -2.18
C ASN A 103 -10.63 27.62 -3.60
N THR A 104 -9.86 28.42 -4.34
CA THR A 104 -9.47 28.10 -5.71
C THR A 104 -7.98 27.83 -5.82
N LYS A 105 -7.34 27.40 -4.73
CA LYS A 105 -5.92 27.05 -4.71
C LYS A 105 -5.05 28.24 -5.14
N GLU A 106 -5.32 29.41 -4.56
CA GLU A 106 -4.55 30.62 -4.81
C GLU A 106 -4.17 31.21 -3.46
N TYR A 107 -2.90 31.09 -3.09
CA TYR A 107 -2.45 31.53 -1.78
C TYR A 107 -1.82 32.92 -1.81
N LYS A 108 -1.02 33.22 -2.82
CA LYS A 108 -0.36 34.52 -2.88
C LYS A 108 -1.37 35.65 -3.06
N GLU A 109 -2.32 35.48 -3.99
CA GLU A 109 -3.34 36.49 -4.20
C GLU A 109 -4.21 36.65 -2.96
N SER A 110 -4.53 35.55 -2.29
CA SER A 110 -5.33 35.63 -1.06
C SER A 110 -4.58 36.40 0.02
N ILE A 111 -3.29 36.12 0.20
CA ILE A 111 -2.49 36.85 1.18
C ILE A 111 -2.45 38.33 0.84
N LYS A 112 -2.27 38.65 -0.44
CA LYS A 112 -2.22 40.06 -0.85
C LYS A 112 -3.54 40.76 -0.57
N TRP A 113 -4.67 40.11 -0.88
CA TRP A 113 -5.97 40.73 -0.65
C TRP A 113 -6.25 40.89 0.84
N PHE A 114 -5.90 39.89 1.65
CA PHE A 114 -6.11 40.02 3.09
C PHE A 114 -5.22 41.12 3.68
N THR A 115 -3.99 41.25 3.18
CA THR A 115 -3.13 42.32 3.66
C THR A 115 -3.66 43.69 3.27
N ALA A 116 -4.15 43.82 2.03
CA ALA A 116 -4.74 45.08 1.60
C ALA A 116 -6.00 45.41 2.39
N ALA A 117 -6.77 44.39 2.79
CA ALA A 117 -7.96 44.64 3.60
C ALA A 117 -7.59 45.06 5.02
N LEU A 118 -6.58 44.42 5.60
CA LEU A 118 -6.16 44.78 6.95
C LEU A 118 -5.47 46.14 7.00
N ASN A 119 -4.84 46.55 5.89
CA ASN A 119 -4.21 47.86 5.85
C ASN A 119 -5.21 49.00 5.70
N ASN A 120 -6.43 48.71 5.23
CA ASN A 120 -7.42 49.76 5.06
C ASN A 120 -8.04 50.15 6.40
N GLY A 121 -8.48 49.16 7.18
CA GLY A 121 -9.08 49.43 8.48
C GLY A 121 -10.16 48.43 8.85
N SER A 122 -9.75 47.24 9.28
CA SER A 122 -10.68 46.18 9.67
C SER A 122 -10.54 45.94 11.17
N THR A 123 -11.68 45.90 11.86
CA THR A 123 -11.71 45.66 13.30
C THR A 123 -11.89 44.19 13.66
N ASN A 124 -11.55 43.29 12.75
CA ASN A 124 -11.66 41.84 12.97
C ASN A 124 -10.26 41.26 13.02
N LYS A 125 -9.80 40.92 14.22
CA LYS A 125 -8.47 40.35 14.38
C LYS A 125 -8.39 38.90 13.90
N GLN A 126 -9.52 38.20 13.87
CA GLN A 126 -9.51 36.80 13.41
C GLN A 126 -8.99 36.69 11.99
N ILE A 127 -9.18 37.73 11.18
CA ILE A 127 -8.64 37.74 9.82
C ILE A 127 -7.14 37.49 9.83
N TYR A 128 -6.44 38.07 10.81
CA TYR A 128 -5.01 37.83 10.94
C TYR A 128 -4.71 36.34 11.04
N ARG A 129 -5.51 35.61 11.83
CA ARG A 129 -5.31 34.17 11.96
C ARG A 129 -5.37 33.49 10.60
N ASP A 130 -6.25 33.96 9.70
CA ASP A 130 -6.30 33.43 8.35
C ASP A 130 -4.95 33.50 7.68
N LEU A 131 -4.30 34.68 7.76
CA LEU A 131 -2.95 34.79 7.23
C LEU A 131 -2.01 33.80 7.90
N ALA A 132 -2.12 33.65 9.22
CA ALA A 132 -1.30 32.69 9.95
C ALA A 132 -1.45 31.27 9.40
N THR A 133 -2.54 30.99 8.70
CA THR A 133 -2.69 29.72 8.00
C THR A 133 -2.16 29.81 6.58
N LEU A 134 -2.49 30.88 5.86
CA LEU A 134 -2.17 30.97 4.43
C LEU A 134 -0.66 30.87 4.21
N GLN A 135 0.11 31.75 4.85
CA GLN A 135 1.56 31.67 4.74
C GLN A 135 2.08 30.33 5.24
N SER A 136 1.38 29.72 6.21
CA SER A 136 1.79 28.41 6.71
C SER A 136 1.75 27.34 5.63
N GLN A 137 1.05 27.60 4.52
CA GLN A 137 1.05 26.68 3.40
C GLN A 137 2.19 26.93 2.42
N ILE A 138 2.73 28.16 2.37
CA ILE A 138 3.78 28.50 1.42
C ILE A 138 5.15 28.55 2.09
N GLY A 139 5.23 28.39 3.40
CA GLY A 139 6.49 28.40 4.10
C GLY A 139 7.00 29.77 4.49
N ASP A 140 6.33 30.84 4.09
CA ASP A 140 6.73 32.20 4.45
C ASP A 140 6.54 32.39 5.94
N PHE A 141 7.60 32.18 6.72
CA PHE A 141 7.53 32.25 8.18
C PHE A 141 7.97 33.60 8.73
N LYS A 142 8.68 34.41 7.96
CA LYS A 142 9.10 35.73 8.43
C LYS A 142 7.91 36.59 8.80
N ASN A 143 6.93 36.69 7.89
CA ASN A 143 5.71 37.43 8.20
C ASN A 143 4.74 36.60 9.04
N ALA A 144 4.84 35.27 8.98
CA ALA A 144 3.97 34.43 9.81
C ALA A 144 4.26 34.61 11.29
N LEU A 145 5.53 34.83 11.65
CA LEU A 145 5.85 35.10 13.05
C LEU A 145 5.18 36.38 13.54
N VAL A 146 5.24 37.44 12.73
CA VAL A 146 4.62 38.71 13.10
C VAL A 146 3.10 38.55 13.17
N SER A 147 2.53 37.78 12.24
CA SER A 147 1.09 37.54 12.26
C SER A 147 0.67 36.79 13.52
N ARG A 148 1.44 35.77 13.91
CA ARG A 148 1.13 35.03 15.13
C ARG A 148 1.28 35.91 16.35
N LYS A 149 2.32 36.76 16.38
CA LYS A 149 2.48 37.66 17.52
C LYS A 149 1.32 38.63 17.63
N LYS A 150 0.86 39.18 16.50
CA LYS A 150 -0.27 40.10 16.51
C LYS A 150 -1.55 39.40 16.94
N TYR A 151 -1.79 38.19 16.44
CA TYR A 151 -3.00 37.46 16.81
C TYR A 151 -2.96 37.00 18.26
N TRP A 152 -1.77 36.82 18.82
CA TRP A 152 -1.65 36.50 20.23
C TRP A 152 -1.87 37.73 21.10
N GLU A 153 -1.31 38.87 20.71
CA GLU A 153 -1.50 40.11 21.47
C GLU A 153 -2.93 40.63 21.35
N ALA A 154 -3.66 40.23 20.31
CA ALA A 154 -5.03 40.69 20.14
C ALA A 154 -5.97 40.01 21.14
N PHE A 155 -5.84 38.70 21.32
CA PHE A 155 -6.70 37.94 22.22
C PHE A 155 -5.82 37.18 23.20
N LEU A 156 -6.00 37.45 24.50
CA LEU A 156 -5.26 36.79 25.56
C LEU A 156 -6.18 35.96 26.44
N GLY A 157 -6.90 35.01 25.84
CA GLY A 157 -7.80 34.16 26.58
C GLY A 157 -7.97 32.78 25.97
N TYR A 158 -7.00 32.37 25.16
CA TYR A 158 -7.03 31.07 24.52
C TYR A 158 -5.62 30.48 24.48
N ARG A 159 -5.51 29.19 24.80
CA ARG A 159 -4.21 28.54 24.77
C ARG A 159 -3.73 28.28 23.35
N ALA A 160 -4.64 28.31 22.37
CA ALA A 160 -4.23 28.13 20.98
C ALA A 160 -3.27 29.22 20.54
N ASN A 161 -3.47 30.46 21.03
CA ASN A 161 -2.56 31.54 20.72
C ASN A 161 -1.17 31.27 21.27
N TRP A 162 -1.09 30.81 22.51
CA TRP A 162 0.21 30.49 23.12
C TRP A 162 0.89 29.35 22.37
N THR A 163 0.13 28.32 21.99
CA THR A 163 0.71 27.20 21.25
C THR A 163 1.22 27.65 19.89
N SER A 164 0.45 28.47 19.18
CA SER A 164 0.89 28.96 17.88
C SER A 164 2.13 29.82 18.00
N LEU A 165 2.18 30.69 19.03
CA LEU A 165 3.37 31.51 19.24
C LEU A 165 4.59 30.66 19.55
N ALA A 166 4.42 29.63 20.39
CA ALA A 166 5.53 28.74 20.71
C ALA A 166 6.02 28.01 19.47
N VAL A 167 5.11 27.52 18.64
CA VAL A 167 5.50 26.82 17.42
C VAL A 167 6.22 27.76 16.47
N ALA A 168 5.72 28.99 16.33
CA ALA A 168 6.34 29.94 15.42
C ALA A 168 7.72 30.35 15.90
N GLN A 169 7.91 30.45 17.22
CA GLN A 169 9.22 30.81 17.75
C GLN A 169 10.19 29.62 17.75
N ASP A 170 9.66 28.40 17.78
CA ASP A 170 10.53 27.23 17.74
C ASP A 170 10.99 26.93 16.32
N VAL A 171 10.09 27.04 15.33
CA VAL A 171 10.46 26.74 13.95
C VAL A 171 11.44 27.78 13.43
N ASN A 172 11.24 29.06 13.78
CA ASN A 172 12.14 30.12 13.33
C ASN A 172 13.51 29.98 13.95
N GLY A 173 13.62 30.24 15.25
CA GLY A 173 14.90 30.12 15.93
C GLY A 173 14.88 30.66 17.35
N GLU A 174 13.77 31.29 17.75
CA GLU A 174 13.64 31.86 19.09
C GLU A 174 13.32 30.73 20.07
N ARG A 175 14.38 30.02 20.46
CA ARG A 175 14.21 28.90 21.39
C ARG A 175 14.08 29.38 22.82
N GLN A 176 14.99 30.24 23.27
CA GLN A 176 14.92 30.78 24.62
C GLN A 176 13.67 31.61 24.82
N GLN A 177 13.26 32.35 23.80
CA GLN A 177 12.02 33.12 23.89
C GLN A 177 10.82 32.21 24.05
N ALA A 178 10.79 31.10 23.30
CA ALA A 178 9.69 30.15 23.44
C ALA A 178 9.69 29.49 24.81
N ILE A 179 10.87 29.16 25.33
CA ILE A 179 10.95 28.57 26.68
C ILE A 179 10.43 29.56 27.72
N ASN A 180 10.83 30.84 27.60
CA ASN A 180 10.37 31.84 28.55
C ASN A 180 8.87 32.05 28.45
N THR A 181 8.33 32.04 27.23
CA THR A 181 6.90 32.21 27.05
C THR A 181 6.12 31.04 27.66
N LEU A 182 6.60 29.81 27.43
CA LEU A 182 5.94 28.65 28.02
C LEU A 182 6.02 28.68 29.54
N SER A 183 7.17 29.09 30.09
CA SER A 183 7.30 29.19 31.54
C SER A 183 6.35 30.23 32.12
N GLN A 184 6.26 31.38 31.45
CA GLN A 184 5.34 32.43 31.93
C GLN A 184 3.89 31.95 31.85
N PHE A 185 3.53 31.24 30.78
CA PHE A 185 2.17 30.74 30.66
C PHE A 185 1.86 29.70 31.74
N GLU A 186 2.81 28.81 32.02
CA GLU A 186 2.59 27.81 33.06
C GLU A 186 2.55 28.44 34.45
N LYS A 187 3.28 29.54 34.65
CA LYS A 187 3.24 30.21 35.95
C LYS A 187 1.94 30.98 36.12
N LEU A 188 1.41 31.57 35.03
CA LEU A 188 0.15 32.30 35.13
C LEU A 188 -1.04 31.37 35.23
N ALA A 189 -0.95 30.18 34.62
CA ALA A 189 -2.05 29.22 34.66
C ALA A 189 -1.65 27.96 35.41
N GLU A 190 -1.23 28.13 36.67
CA GLU A 190 -0.83 27.02 37.52
C GLU A 190 -1.99 26.69 38.45
N GLY A 191 -2.75 25.65 38.09
CA GLY A 191 -3.89 25.23 38.88
C GLY A 191 -5.24 25.47 38.23
N LYS A 192 -5.29 26.30 37.19
CA LYS A 192 -6.54 26.61 36.49
C LYS A 192 -6.70 25.77 35.22
N ILE A 193 -6.38 24.47 35.30
CA ILE A 193 -6.48 23.57 34.16
C ILE A 193 -7.55 22.53 34.46
N SER A 194 -8.49 22.36 33.54
CA SER A 194 -9.55 21.38 33.70
C SER A 194 -9.04 19.97 33.43
N ASP A 195 -9.94 19.00 33.48
CA ASP A 195 -9.54 17.62 33.25
C ASP A 195 -9.21 17.37 31.79
N SER A 196 -10.12 17.72 30.88
CA SER A 196 -9.89 17.50 29.46
C SER A 196 -8.70 18.28 28.93
N GLU A 197 -8.30 19.36 29.61
CA GLU A 197 -7.14 20.14 29.22
C GLU A 197 -5.85 19.60 29.80
N LYS A 198 -5.90 18.49 30.54
CA LYS A 198 -4.67 17.92 31.10
C LYS A 198 -3.83 17.26 30.02
N TYR A 199 -4.42 16.32 29.28
CA TYR A 199 -3.71 15.61 28.22
C TYR A 199 -3.01 16.56 27.28
N GLU A 200 -3.76 17.51 26.71
CA GLU A 200 -3.18 18.54 25.86
C GLU A 200 -1.98 19.19 26.55
N HIS A 201 -2.17 19.62 27.80
CA HIS A 201 -1.07 20.17 28.58
C HIS A 201 0.14 19.25 28.56
N SER A 202 -0.09 17.97 28.89
CA SER A 202 0.99 16.98 28.81
C SER A 202 1.67 17.02 27.45
N GLU A 203 0.87 16.98 26.38
CA GLU A 203 1.44 17.08 25.04
C GLU A 203 2.31 18.32 24.91
N CYS A 204 1.78 19.47 25.33
CA CYS A 204 2.56 20.70 25.30
C CYS A 204 3.87 20.53 26.05
N LEU A 205 3.80 19.91 27.24
CA LEU A 205 5.01 19.62 28.00
C LEU A 205 6.01 18.86 27.15
N MET A 206 5.56 17.79 26.51
CA MET A 206 6.44 17.03 25.62
C MET A 206 7.04 17.93 24.56
N TYR A 207 6.22 18.80 23.96
CA TYR A 207 6.73 19.74 22.97
C TYR A 207 7.82 20.61 23.58
N LYS A 208 7.59 21.12 24.79
CA LYS A 208 8.63 21.90 25.47
C LYS A 208 9.88 21.07 25.64
N ASN A 209 9.72 19.79 26.00
CA ASN A 209 10.87 18.89 26.07
C ASN A 209 11.61 18.85 24.74
N ASP A 210 10.86 18.76 23.63
CA ASP A 210 11.48 18.83 22.31
C ASP A 210 12.28 20.12 22.16
N ILE A 211 11.71 21.24 22.60
CA ILE A 211 12.44 22.50 22.58
C ILE A 211 13.71 22.38 23.41
N MET A 212 13.60 21.77 24.60
CA MET A 212 14.78 21.55 25.42
C MET A 212 15.77 20.64 24.71
N TYR A 213 15.28 19.73 23.88
CA TYR A 213 16.18 18.93 23.05
C TYR A 213 17.02 19.81 22.15
N LYS A 214 16.39 20.82 21.54
CA LYS A 214 17.15 21.78 20.74
C LYS A 214 18.12 22.59 21.58
N ALA A 215 17.91 22.66 22.89
CA ALA A 215 18.84 23.30 23.81
C ALA A 215 19.75 22.29 24.50
N ALA A 216 19.71 21.02 24.07
CA ALA A 216 20.56 20.01 24.69
C ALA A 216 22.00 20.12 24.21
N SER A 217 22.23 19.91 22.91
CA SER A 217 23.56 19.97 22.29
C SER A 217 24.44 18.95 22.98
N ASP A 218 25.66 19.30 23.41
CA ASP A 218 26.55 18.36 24.08
C ASP A 218 27.02 18.88 25.43
N ASN A 219 26.35 19.88 25.99
CA ASN A 219 26.73 20.43 27.27
C ASN A 219 26.25 19.53 28.40
N GLN A 220 27.07 19.40 29.44
CA GLN A 220 26.72 18.55 30.57
C GLN A 220 25.67 19.20 31.45
N ASP A 221 25.84 20.49 31.75
CA ASP A 221 24.89 21.19 32.60
C ASP A 221 23.51 21.29 31.95
N LYS A 222 23.48 21.54 30.64
CA LYS A 222 22.20 21.63 29.93
C LYS A 222 21.47 20.28 29.95
N LEU A 223 22.20 19.20 29.69
CA LEU A 223 21.58 17.88 29.73
C LEU A 223 21.11 17.53 31.13
N GLN A 224 21.88 17.92 32.15
CA GLN A 224 21.47 17.67 33.53
C GLN A 224 20.20 18.44 33.87
N ASN A 225 20.10 19.70 33.43
CA ASN A 225 18.90 20.48 33.68
C ASN A 225 17.70 19.90 32.95
N VAL A 226 17.90 19.43 31.71
CA VAL A 226 16.80 18.82 30.97
C VAL A 226 16.34 17.53 31.66
N LEU A 227 17.28 16.73 32.15
CA LEU A 227 16.93 15.51 32.87
C LEU A 227 16.18 15.82 34.15
N LYS A 228 16.60 16.85 34.88
CA LYS A 228 15.90 17.24 36.11
C LYS A 228 14.49 17.71 35.80
N HIS A 229 14.33 18.53 34.75
CA HIS A 229 13.00 19.00 34.37
C HIS A 229 12.11 17.83 33.95
N LEU A 230 12.67 16.86 33.22
CA LEU A 230 11.89 15.71 32.81
C LEU A 230 11.47 14.86 34.01
N ASN A 231 12.38 14.65 34.97
CA ASN A 231 12.04 13.91 36.16
C ASN A 231 11.01 14.64 37.01
N ASP A 232 11.02 15.98 36.97
CA ASP A 232 10.04 16.75 37.72
C ASP A 232 8.66 16.71 37.05
N ILE A 233 8.62 16.74 35.72
CA ILE A 233 7.33 16.74 35.01
C ILE A 233 6.80 15.34 34.73
N GLU A 234 7.58 14.30 35.00
CA GLU A 234 7.09 12.93 34.81
C GLU A 234 5.77 12.64 35.53
N PRO A 235 5.54 13.04 36.78
CA PRO A 235 4.22 12.79 37.39
C PRO A 235 3.09 13.53 36.71
N CYS A 236 3.39 14.54 35.89
CA CYS A 236 2.35 15.31 35.21
C CYS A 236 2.17 14.92 33.75
N VAL A 237 3.21 14.43 33.09
CA VAL A 237 3.13 14.04 31.69
C VAL A 237 2.41 12.70 31.58
N PHE A 238 1.39 12.64 30.73
CA PHE A 238 0.64 11.40 30.54
C PHE A 238 1.35 10.45 29.59
N ASP A 239 1.98 10.99 28.54
CA ASP A 239 2.69 10.17 27.57
C ASP A 239 3.95 9.59 28.21
N LYS A 240 4.02 8.26 28.28
CA LYS A 240 5.14 7.57 28.90
C LYS A 240 6.14 7.00 27.91
N PHE A 241 5.69 6.59 26.72
CA PHE A 241 6.61 6.03 25.73
C PHE A 241 7.64 7.05 25.29
N GLY A 242 7.18 8.20 24.81
CA GLY A 242 8.10 9.25 24.40
C GLY A 242 8.92 9.79 25.55
N LEU A 243 8.34 9.85 26.75
CA LEU A 243 9.08 10.30 27.92
C LEU A 243 10.26 9.37 28.21
N LEU A 244 10.00 8.06 28.22
CA LEU A 244 11.08 7.10 28.46
C LEU A 244 12.09 7.10 27.32
N GLU A 245 11.63 7.31 26.09
CA GLU A 245 12.58 7.39 24.97
C GLU A 245 13.51 8.58 25.12
N ARG A 246 12.96 9.74 25.48
CA ARG A 246 13.80 10.92 25.68
C ARG A 246 14.72 10.74 26.89
N LYS A 247 14.23 10.06 27.93
CA LYS A 247 15.08 9.78 29.09
C LYS A 247 16.25 8.89 28.71
N ALA A 248 16.00 7.85 27.92
CA ALA A 248 17.07 6.98 27.46
C ALA A 248 18.04 7.72 26.56
N THR A 249 17.52 8.62 25.71
CA THR A 249 18.40 9.42 24.86
C THR A 249 19.30 10.32 25.68
N ILE A 250 18.75 10.96 26.72
CA ILE A 250 19.55 11.81 27.59
C ILE A 250 20.60 10.99 28.33
N TYR A 251 20.21 9.79 28.78
CA TYR A 251 21.17 8.93 29.47
C TYR A 251 22.29 8.48 28.52
N MET A 252 21.96 8.25 27.25
CA MET A 252 22.99 7.87 26.29
C MET A 252 23.90 9.06 25.96
N LYS A 253 23.36 10.26 25.93
CA LYS A 253 24.17 11.45 25.64
C LYS A 253 25.05 11.86 26.81
N LEU A 254 24.86 11.27 27.99
CA LEU A 254 25.67 11.57 29.16
C LEU A 254 26.74 10.49 29.37
N GLY A 255 26.47 9.48 30.19
CA GLY A 255 27.43 8.43 30.44
C GLY A 255 26.90 7.36 31.36
N GLN A 256 25.72 7.58 31.92
CA GLN A 256 25.09 6.61 32.82
C GLN A 256 24.58 5.43 32.01
N LEU A 257 25.21 4.27 32.17
CA LEU A 257 24.83 3.08 31.44
C LEU A 257 23.81 2.22 32.18
N LYS A 258 23.91 2.15 33.51
CA LYS A 258 22.97 1.32 34.28
C LYS A 258 21.55 1.90 34.22
N ASP A 259 21.42 3.22 34.38
CA ASP A 259 20.10 3.83 34.30
C ASP A 259 19.50 3.69 32.92
N ALA A 260 20.32 3.85 31.88
CA ALA A 260 19.83 3.66 30.51
C ALA A 260 19.39 2.22 30.28
N SER A 261 20.15 1.26 30.80
CA SER A 261 19.76 -0.15 30.68
C SER A 261 18.45 -0.42 31.40
N ILE A 262 18.26 0.19 32.57
CA ILE A 262 17.01 0.01 33.30
C ILE A 262 15.85 0.61 32.52
N VAL A 263 16.06 1.78 31.91
CA VAL A 263 15.01 2.41 31.13
C VAL A 263 14.64 1.55 29.92
N TYR A 264 15.65 0.99 29.25
CA TYR A 264 15.36 0.14 28.09
C TYR A 264 14.69 -1.16 28.51
N ARG A 265 15.05 -1.72 29.67
CA ARG A 265 14.37 -2.91 30.16
C ARG A 265 12.91 -2.60 30.50
N THR A 266 12.66 -1.42 31.07
CA THR A 266 11.28 -1.01 31.32
C THR A 266 10.50 -0.85 30.01
N LEU A 267 11.14 -0.28 28.99
CA LEU A 267 10.50 -0.17 27.68
C LEU A 267 10.19 -1.54 27.09
N ILE A 268 11.11 -2.49 27.25
CA ILE A 268 10.87 -3.86 26.77
C ILE A 268 9.72 -4.49 27.54
N LYS A 269 9.66 -4.26 28.85
CA LYS A 269 8.53 -4.76 29.64
C LYS A 269 7.21 -4.14 29.19
N ARG A 270 7.24 -2.89 28.74
CA ARG A 270 6.03 -2.25 28.23
C ARG A 270 5.65 -2.81 26.86
N ASN A 271 6.64 -3.06 26.00
CA ASN A 271 6.40 -3.59 24.66
C ASN A 271 7.63 -4.38 24.23
N PRO A 272 7.59 -5.71 24.35
CA PRO A 272 8.77 -6.51 23.98
C PRO A 272 8.96 -6.64 22.47
N ASP A 273 7.86 -6.64 21.73
CA ASP A 273 7.91 -6.80 20.27
C ASP A 273 8.36 -5.48 19.64
N ASN A 274 9.67 -5.25 19.69
CA ASN A 274 10.25 -4.03 19.11
C ASN A 274 11.72 -4.27 18.87
N PHE A 275 12.14 -4.24 17.60
CA PHE A 275 13.55 -4.41 17.28
C PHE A 275 14.37 -3.18 17.65
N LYS A 276 13.76 -2.00 17.60
CA LYS A 276 14.49 -0.77 17.90
C LYS A 276 14.95 -0.73 19.35
N TYR A 277 14.08 -1.14 20.28
CA TYR A 277 14.46 -1.16 21.69
C TYR A 277 15.59 -2.16 21.93
N TYR A 278 15.52 -3.33 21.30
CA TYR A 278 16.58 -4.32 21.47
C TYR A 278 17.90 -3.82 20.91
N LYS A 279 17.88 -3.18 19.73
CA LYS A 279 19.11 -2.65 19.17
C LYS A 279 19.68 -1.53 20.04
N LEU A 280 18.82 -0.66 20.57
CA LEU A 280 19.30 0.41 21.44
C LEU A 280 19.88 -0.14 22.73
N LEU A 281 19.27 -1.20 23.28
CA LEU A 281 19.84 -1.83 24.47
C LEU A 281 21.18 -2.49 24.16
N GLU A 282 21.31 -3.12 23.00
CA GLU A 282 22.58 -3.72 22.60
C GLU A 282 23.66 -2.65 22.45
N VAL A 283 23.30 -1.49 21.90
CA VAL A 283 24.27 -0.41 21.76
C VAL A 283 24.64 0.17 23.12
N SER A 284 23.67 0.29 24.01
CA SER A 284 23.93 0.90 25.33
C SER A 284 24.79 -0.01 26.19
N LEU A 285 24.52 -1.32 26.18
CA LEU A 285 25.29 -2.23 27.01
C LEU A 285 26.73 -2.37 26.56
N GLY A 286 27.04 -2.03 25.31
CA GLY A 286 28.40 -2.11 24.82
C GLY A 286 28.94 -3.52 24.71
N ILE A 287 28.07 -4.49 24.41
CA ILE A 287 28.47 -5.89 24.29
C ILE A 287 28.39 -6.37 22.84
N GLN A 288 28.40 -5.44 21.88
CA GLN A 288 28.33 -5.83 20.48
C GLN A 288 29.63 -6.46 19.99
N GLY A 289 30.73 -6.28 20.72
CA GLY A 289 31.99 -6.89 20.31
C GLY A 289 32.11 -8.35 20.67
N ASP A 290 31.58 -8.75 21.82
CA ASP A 290 31.61 -10.13 22.27
C ASP A 290 30.30 -10.84 21.91
N ASN A 291 30.42 -12.07 21.42
CA ASN A 291 29.25 -12.84 21.03
C ASN A 291 28.67 -13.66 22.18
N LYS A 292 29.51 -14.13 23.11
CA LYS A 292 29.01 -14.94 24.20
C LYS A 292 28.13 -14.13 25.14
N LEU A 293 28.48 -12.87 25.38
CA LEU A 293 27.66 -12.02 26.24
C LEU A 293 26.27 -11.82 25.65
N LYS A 294 26.19 -11.49 24.36
CA LYS A 294 24.90 -11.32 23.71
C LYS A 294 24.13 -12.63 23.67
N LYS A 295 24.83 -13.75 23.44
CA LYS A 295 24.16 -15.05 23.44
C LYS A 295 23.52 -15.34 24.78
N ALA A 296 24.26 -15.12 25.87
CA ALA A 296 23.72 -15.35 27.20
C ALA A 296 22.57 -14.39 27.50
N LEU A 297 22.70 -13.13 27.08
CA LEU A 297 21.64 -12.15 27.33
C LEU A 297 20.35 -12.56 26.63
N TYR A 298 20.44 -12.95 25.35
CA TYR A 298 19.24 -13.35 24.63
C TYR A 298 18.68 -14.68 25.14
N GLY A 299 19.55 -15.60 25.56
CA GLY A 299 19.07 -16.83 26.16
C GLY A 299 18.34 -16.60 27.47
N LYS A 300 18.77 -15.60 28.24
CA LYS A 300 18.07 -15.27 29.48
C LYS A 300 16.77 -14.53 29.19
N LEU A 301 16.76 -13.67 28.17
CA LEU A 301 15.55 -12.94 27.83
C LEU A 301 14.50 -13.82 27.17
N GLU A 302 14.92 -14.92 26.55
CA GLU A 302 13.97 -15.82 25.91
C GLU A 302 13.06 -16.48 26.95
N GLN A 303 13.56 -16.75 28.15
CA GLN A 303 12.74 -17.34 29.20
C GLN A 303 11.68 -16.37 29.70
N PHE A 304 11.86 -15.07 29.49
CA PHE A 304 10.88 -14.08 29.92
C PHE A 304 9.78 -13.83 28.90
N TYR A 305 10.05 -14.13 27.63
CA TYR A 305 9.09 -13.90 26.54
C TYR A 305 9.15 -15.08 25.57
N PRO A 306 8.48 -16.19 25.92
CA PRO A 306 8.53 -17.36 25.02
C PRO A 306 7.60 -17.27 23.82
N ARG A 307 6.76 -16.24 23.73
CA ARG A 307 5.81 -16.11 22.64
C ARG A 307 6.17 -15.00 21.67
N CYS A 308 7.33 -14.38 21.83
CA CYS A 308 7.76 -13.30 20.96
C CYS A 308 8.53 -13.85 19.76
N GLU A 309 9.03 -12.94 18.92
CA GLU A 309 9.73 -13.31 17.70
C GLU A 309 11.08 -12.61 17.56
N PRO A 310 11.22 -11.32 17.89
CA PRO A 310 12.55 -10.70 17.86
C PRO A 310 13.57 -11.39 18.75
N PRO A 311 13.22 -11.77 19.99
CA PRO A 311 14.22 -12.47 20.83
C PRO A 311 14.67 -13.80 20.26
N LYS A 312 13.97 -14.37 19.30
CA LYS A 312 14.39 -15.59 18.63
C LYS A 312 14.96 -15.35 17.24
N PHE A 313 14.76 -14.17 16.66
CA PHE A 313 15.23 -13.84 15.33
C PHE A 313 16.54 -13.08 15.34
N ILE A 314 16.74 -12.17 16.30
CA ILE A 314 17.94 -11.37 16.40
C ILE A 314 19.17 -12.24 16.68
N PRO A 315 19.13 -13.20 17.62
CA PRO A 315 20.33 -14.03 17.86
C PRO A 315 20.83 -14.78 16.64
N LEU A 316 20.04 -14.87 15.57
CA LEU A 316 20.48 -15.53 14.34
C LEU A 316 21.31 -14.62 13.44
N THR A 317 21.96 -13.59 13.99
CA THR A 317 22.73 -12.64 13.21
C THR A 317 24.17 -12.48 13.67
N PHE A 318 24.56 -13.08 14.80
CA PHE A 318 25.93 -12.96 15.28
C PHE A 318 26.49 -14.30 15.75
N LEU A 319 25.99 -15.40 15.20
CA LEU A 319 26.46 -16.74 15.54
C LEU A 319 27.58 -17.15 14.58
N GLN A 320 28.65 -17.71 15.14
CA GLN A 320 29.80 -18.14 14.36
C GLN A 320 29.94 -19.65 14.29
N ASP A 321 29.57 -20.38 15.35
CA ASP A 321 29.69 -21.82 15.33
C ASP A 321 28.61 -22.44 14.43
N LYS A 322 28.97 -23.50 13.72
CA LYS A 322 28.03 -24.13 12.81
C LYS A 322 26.98 -24.94 13.57
N GLU A 323 27.41 -25.71 14.58
CA GLU A 323 26.47 -26.52 15.34
C GLU A 323 25.49 -25.66 16.13
N GLU A 324 25.98 -24.60 16.76
CA GLU A 324 25.10 -23.71 17.51
C GLU A 324 24.11 -23.00 16.58
N LEU A 325 24.59 -22.56 15.41
CA LEU A 325 23.70 -21.92 14.45
C LEU A 325 22.63 -22.88 13.95
N SER A 326 23.02 -24.13 13.67
CA SER A 326 22.04 -25.12 13.23
C SER A 326 21.02 -25.43 14.32
N LYS A 327 21.47 -25.53 15.57
CA LYS A 327 20.55 -25.78 16.68
C LYS A 327 19.58 -24.63 16.86
N LYS A 328 20.08 -23.38 16.77
CA LYS A 328 19.20 -22.23 16.90
C LYS A 328 18.20 -22.16 15.75
N LEU A 329 18.65 -22.44 14.52
CA LEU A 329 17.73 -22.44 13.39
C LEU A 329 16.66 -23.52 13.55
N ARG A 330 17.05 -24.70 14.04
CA ARG A 330 16.06 -25.76 14.26
C ARG A 330 15.06 -25.38 15.34
N GLU A 331 15.54 -24.83 16.45
CA GLU A 331 14.64 -24.40 17.52
C GLU A 331 13.77 -23.21 17.10
N TYR A 332 14.19 -22.47 16.08
CA TYR A 332 13.37 -21.37 15.57
C TYR A 332 12.34 -21.85 14.56
N VAL A 333 12.66 -22.88 13.78
CA VAL A 333 11.72 -23.35 12.76
C VAL A 333 10.78 -24.44 13.26
N LEU A 334 11.08 -25.10 14.38
CA LEU A 334 10.19 -26.15 14.86
C LEU A 334 8.83 -25.61 15.30
N PRO A 335 8.73 -24.55 16.13
CA PRO A 335 7.40 -24.05 16.49
C PRO A 335 6.63 -23.47 15.32
N GLN A 336 7.32 -22.82 14.37
CA GLN A 336 6.64 -22.26 13.22
C GLN A 336 6.06 -23.34 12.32
N LEU A 337 6.76 -24.47 12.19
CA LEU A 337 6.24 -25.58 11.41
C LEU A 337 5.22 -26.40 12.17
N GLU A 338 5.26 -26.37 13.51
CA GLU A 338 4.27 -27.11 14.30
C GLU A 338 2.94 -26.37 14.35
N ARG A 339 2.98 -25.06 14.61
CA ARG A 339 1.75 -24.29 14.67
C ARG A 339 1.25 -23.92 13.27
N GLY A 340 2.16 -23.78 12.31
CA GLY A 340 1.78 -23.44 10.96
C GLY A 340 1.43 -21.98 10.78
N VAL A 341 2.39 -21.18 10.31
CA VAL A 341 2.17 -19.76 10.09
C VAL A 341 2.37 -19.45 8.62
N PRO A 342 1.56 -18.56 8.04
CA PRO A 342 1.71 -18.24 6.61
C PRO A 342 2.83 -17.25 6.33
N ALA A 343 3.87 -17.25 7.19
CA ALA A 343 4.97 -16.31 7.00
C ALA A 343 6.31 -16.93 7.38
N THR A 344 6.41 -18.26 7.41
CA THR A 344 7.66 -18.92 7.78
C THR A 344 8.80 -18.46 6.88
N PHE A 345 8.60 -18.52 5.56
CA PHE A 345 9.61 -18.00 4.64
C PHE A 345 9.86 -16.53 4.89
N SER A 346 8.80 -15.76 5.20
CA SER A 346 8.99 -14.36 5.55
C SER A 346 9.88 -14.23 6.78
N ASN A 347 9.73 -15.14 7.75
CA ASN A 347 10.58 -15.13 8.93
C ASN A 347 12.04 -15.34 8.59
N VAL A 348 12.34 -15.91 7.42
CA VAL A 348 13.70 -16.05 6.94
C VAL A 348 13.91 -15.28 5.64
N LYS A 349 13.03 -14.30 5.36
CA LYS A 349 13.18 -13.52 4.13
C LYS A 349 14.36 -12.57 4.19
N PRO A 350 14.55 -11.74 5.23
CA PRO A 350 15.72 -10.86 5.23
C PRO A 350 17.04 -11.59 5.39
N LEU A 351 17.07 -12.69 6.16
CA LEU A 351 18.30 -13.45 6.32
C LEU A 351 18.81 -13.97 4.98
N TYR A 352 17.91 -14.47 4.14
CA TYR A 352 18.29 -14.91 2.80
C TYR A 352 18.85 -13.78 1.96
N GLN A 353 18.49 -12.53 2.28
CA GLN A 353 19.05 -11.38 1.57
C GLN A 353 20.47 -11.06 2.02
N ARG A 354 20.92 -11.64 3.13
CA ARG A 354 22.27 -11.40 3.64
C ARG A 354 23.12 -12.66 3.71
N ARG A 355 22.52 -13.84 3.80
CA ARG A 355 23.24 -15.10 3.85
C ARG A 355 22.78 -15.98 2.71
N LYS A 356 23.55 -17.02 2.40
CA LYS A 356 23.22 -17.90 1.29
C LYS A 356 23.87 -19.26 1.44
N SER A 357 25.09 -19.41 0.89
CA SER A 357 25.75 -20.69 0.82
C SER A 357 26.18 -21.22 2.19
N LYS A 358 26.03 -20.39 3.22
CA LYS A 358 26.40 -20.79 4.59
C LYS A 358 25.22 -21.15 5.46
N VAL A 359 24.05 -20.54 5.24
CA VAL A 359 22.88 -20.77 6.08
C VAL A 359 21.82 -21.59 5.35
N SER A 360 21.58 -21.30 4.07
CA SER A 360 20.53 -22.01 3.35
C SER A 360 20.76 -23.51 3.22
N PRO A 361 21.99 -24.03 3.04
CA PRO A 361 22.14 -25.50 3.01
C PRO A 361 21.76 -26.15 4.32
N LEU A 362 22.15 -25.57 5.45
CA LEU A 362 21.80 -26.14 6.75
C LEU A 362 20.29 -26.11 6.97
N LEU A 363 19.64 -25.00 6.59
CA LEU A 363 18.19 -24.92 6.72
C LEU A 363 17.50 -25.96 5.84
N GLU A 364 17.98 -26.13 4.61
CA GLU A 364 17.40 -27.14 3.72
C GLU A 364 17.58 -28.54 4.28
N LYS A 365 18.76 -28.83 4.84
CA LYS A 365 19.01 -30.14 5.41
C LYS A 365 18.10 -30.39 6.62
N ILE A 366 17.93 -29.38 7.47
CA ILE A 366 17.06 -29.53 8.64
C ILE A 366 15.62 -29.74 8.21
N VAL A 367 15.17 -29.00 7.20
CA VAL A 367 13.79 -29.15 6.72
C VAL A 367 13.58 -30.53 6.12
N LEU A 368 14.56 -31.03 5.36
CA LEU A 368 14.44 -32.36 4.78
C LEU A 368 14.44 -33.44 5.86
N ASP A 369 15.29 -33.29 6.88
CA ASP A 369 15.31 -34.26 7.96
C ASP A 369 14.02 -34.24 8.76
N TYR A 370 13.40 -33.07 8.90
CA TYR A 370 12.11 -32.99 9.61
C TYR A 370 11.00 -33.58 8.76
N LEU A 371 11.05 -33.38 7.45
CA LEU A 371 10.00 -33.91 6.57
C LEU A 371 10.11 -35.42 6.42
N SER A 372 11.32 -35.97 6.49
CA SER A 372 11.51 -37.40 6.36
C SER A 372 10.90 -38.19 7.53
N GLY A 373 10.54 -37.52 8.61
CA GLY A 373 9.95 -38.19 9.76
C GLY A 373 8.49 -37.86 9.97
N LEU A 374 7.90 -37.12 9.03
CA LEU A 374 6.50 -36.73 9.12
C LEU A 374 5.62 -37.80 8.48
N ASP A 375 4.35 -37.45 8.22
CA ASP A 375 3.41 -38.37 7.61
C ASP A 375 2.33 -37.55 6.92
N PRO A 376 1.93 -37.91 5.69
CA PRO A 376 0.89 -37.13 5.00
C PRO A 376 -0.49 -37.25 5.61
N THR A 377 -0.73 -38.26 6.45
CA THR A 377 -2.02 -38.47 7.10
C THR A 377 -2.01 -38.12 8.58
N GLN A 378 -0.95 -38.48 9.31
CA GLN A 378 -0.91 -38.20 10.74
C GLN A 378 -0.71 -36.71 10.99
N ASP A 379 0.22 -36.07 10.27
CA ASP A 379 0.51 -34.65 10.40
C ASP A 379 0.36 -34.01 9.02
N PRO A 380 -0.87 -33.73 8.59
CA PRO A 380 -1.07 -33.13 7.26
C PRO A 380 -0.70 -31.64 7.23
N ILE A 381 -0.97 -30.94 8.32
CA ILE A 381 -0.69 -29.51 8.41
C ILE A 381 0.82 -29.26 8.39
N PRO A 382 1.63 -29.94 9.21
CA PRO A 382 3.08 -29.76 9.07
C PRO A 382 3.60 -30.20 7.73
N PHE A 383 2.99 -31.23 7.13
CA PHE A 383 3.42 -31.69 5.80
C PHE A 383 3.22 -30.60 4.76
N ILE A 384 2.03 -30.00 4.73
CA ILE A 384 1.76 -28.97 3.72
C ILE A 384 2.57 -27.71 4.00
N TRP A 385 2.81 -27.38 5.28
CA TRP A 385 3.62 -26.21 5.56
C TRP A 385 5.07 -26.43 5.16
N THR A 386 5.59 -27.65 5.38
CA THR A 386 6.94 -27.97 4.94
C THR A 386 7.04 -27.93 3.41
N ASN A 387 6.01 -28.42 2.72
CA ASN A 387 6.00 -28.34 1.25
C ASN A 387 6.00 -26.89 0.79
N TYR A 388 5.19 -26.05 1.42
CA TYR A 388 5.15 -24.63 1.04
C TYR A 388 6.49 -23.96 1.30
N TYR A 389 7.12 -24.25 2.44
CA TYR A 389 8.41 -23.65 2.75
C TYR A 389 9.49 -24.12 1.77
N LEU A 390 9.48 -25.40 1.40
CA LEU A 390 10.43 -25.89 0.42
C LEU A 390 10.21 -25.24 -0.95
N SER A 391 8.94 -25.07 -1.34
CA SER A 391 8.66 -24.42 -2.61
C SER A 391 9.12 -22.97 -2.60
N GLN A 392 8.91 -22.26 -1.49
CA GLN A 392 9.39 -20.89 -1.38
C GLN A 392 10.92 -20.84 -1.46
N HIS A 393 11.60 -21.74 -0.74
CA HIS A 393 13.04 -21.74 -0.71
C HIS A 393 13.63 -22.06 -2.09
N PHE A 394 13.01 -22.97 -2.83
CA PHE A 394 13.50 -23.28 -4.17
C PHE A 394 13.16 -22.18 -5.17
N LEU A 395 12.03 -21.50 -5.00
CA LEU A 395 11.72 -20.37 -5.85
C LEU A 395 12.70 -19.22 -5.63
N PHE A 396 13.15 -19.04 -4.38
CA PHE A 396 14.16 -18.04 -4.09
C PHE A 396 15.53 -18.41 -4.67
N LEU A 397 15.80 -19.70 -4.86
CA LEU A 397 17.06 -20.18 -5.39
C LEU A 397 17.01 -20.41 -6.90
N LYS A 398 16.11 -19.71 -7.59
CA LYS A 398 16.00 -19.77 -9.06
C LYS A 398 15.71 -21.20 -9.54
N ASP A 399 14.82 -21.89 -8.85
CA ASP A 399 14.36 -23.22 -9.25
C ASP A 399 12.87 -23.13 -9.55
N PHE A 400 12.43 -23.84 -10.59
CA PHE A 400 11.05 -23.74 -11.04
C PHE A 400 10.38 -25.10 -11.22
N PRO A 401 11.02 -26.09 -11.87
CA PRO A 401 10.35 -27.40 -11.99
C PRO A 401 10.09 -28.07 -10.66
N LYS A 402 11.06 -28.07 -9.75
CA LYS A 402 10.85 -28.69 -8.44
C LYS A 402 9.82 -27.91 -7.63
N ALA A 403 9.81 -26.58 -7.74
CA ALA A 403 8.81 -25.78 -7.06
C ALA A 403 7.41 -26.09 -7.59
N GLN A 404 7.27 -26.26 -8.91
CA GLN A 404 5.98 -26.63 -9.48
C GLN A 404 5.56 -28.02 -9.01
N GLU A 405 6.50 -28.96 -8.93
CA GLU A 405 6.18 -30.29 -8.44
C GLU A 405 5.69 -30.23 -7.00
N TYR A 406 6.38 -29.46 -6.15
CA TYR A 406 5.97 -29.33 -4.76
C TYR A 406 4.60 -28.67 -4.63
N ILE A 407 4.34 -27.62 -5.41
CA ILE A 407 3.05 -26.95 -5.31
C ILE A 407 1.93 -27.83 -5.86
N ASP A 408 2.22 -28.66 -6.86
CA ASP A 408 1.22 -29.59 -7.35
C ASP A 408 0.93 -30.68 -6.33
N ALA A 409 1.96 -31.18 -5.65
CA ALA A 409 1.74 -32.14 -4.58
C ALA A 409 0.94 -31.53 -3.44
N ALA A 410 1.20 -30.26 -3.12
CA ALA A 410 0.46 -29.58 -2.07
C ALA A 410 -1.00 -29.38 -2.46
N LEU A 411 -1.25 -29.03 -3.73
CA LEU A 411 -2.63 -28.88 -4.19
C LEU A 411 -3.36 -30.23 -4.20
N ASP A 412 -2.65 -31.30 -4.56
CA ASP A 412 -3.27 -32.62 -4.53
C ASP A 412 -3.52 -33.09 -3.10
N HIS A 413 -2.71 -32.62 -2.15
CA HIS A 413 -2.90 -33.00 -0.75
C HIS A 413 -4.00 -32.18 -0.10
N THR A 414 -3.97 -30.86 -0.27
CA THR A 414 -4.97 -29.97 0.31
C THR A 414 -5.20 -28.81 -0.64
N PRO A 415 -6.24 -28.89 -1.47
CA PRO A 415 -6.51 -27.81 -2.44
C PRO A 415 -7.38 -26.70 -1.87
N THR A 416 -7.38 -26.54 -0.54
CA THR A 416 -8.21 -25.53 0.09
C THR A 416 -7.36 -24.44 0.76
N LEU A 417 -6.38 -23.92 0.04
CA LEU A 417 -5.53 -22.85 0.54
C LEU A 417 -5.26 -21.85 -0.59
N VAL A 418 -5.48 -20.57 -0.30
CA VAL A 418 -5.26 -19.54 -1.31
C VAL A 418 -3.77 -19.28 -1.51
N GLU A 419 -2.95 -19.50 -0.48
CA GLU A 419 -1.52 -19.25 -0.60
C GLU A 419 -0.88 -20.16 -1.64
N PHE A 420 -1.38 -21.39 -1.79
CA PHE A 420 -0.84 -22.29 -2.82
C PHE A 420 -1.12 -21.74 -4.21
N TYR A 421 -2.33 -21.25 -4.45
CA TYR A 421 -2.65 -20.67 -5.75
C TYR A 421 -1.85 -19.40 -6.00
N ILE A 422 -1.64 -18.60 -4.94
CA ILE A 422 -0.83 -17.39 -5.10
C ILE A 422 0.60 -17.74 -5.48
N LEU A 423 1.16 -18.76 -4.82
CA LEU A 423 2.53 -19.18 -5.14
C LEU A 423 2.61 -19.76 -6.56
N LYS A 424 1.59 -20.52 -6.98
CA LYS A 424 1.58 -21.05 -8.33
C LYS A 424 1.52 -19.92 -9.36
N ALA A 425 0.69 -18.91 -9.10
CA ALA A 425 0.61 -17.77 -10.00
C ALA A 425 1.92 -17.01 -10.05
N ARG A 426 2.59 -16.86 -8.90
CA ARG A 426 3.87 -16.17 -8.87
C ARG A 426 4.93 -16.94 -9.66
N ILE A 427 4.95 -18.27 -9.50
CA ILE A 427 5.91 -19.09 -10.25
C ILE A 427 5.64 -18.99 -11.75
N LEU A 428 4.37 -19.07 -12.15
CA LEU A 428 4.05 -18.97 -13.57
C LEU A 428 4.36 -17.59 -14.12
N LYS A 429 4.25 -16.55 -13.30
CA LYS A 429 4.63 -15.21 -13.74
C LYS A 429 6.14 -15.10 -13.91
N HIS A 430 6.90 -15.67 -12.96
CA HIS A 430 8.36 -15.68 -13.10
C HIS A 430 8.82 -16.51 -14.28
N LEU A 431 8.04 -17.51 -14.69
CA LEU A 431 8.38 -18.32 -15.86
C LEU A 431 7.83 -17.75 -17.16
N GLY A 432 7.28 -16.54 -17.14
CA GLY A 432 6.77 -15.90 -18.34
C GLY A 432 5.37 -16.29 -18.73
N LEU A 433 4.67 -17.07 -17.92
CA LEU A 433 3.30 -17.50 -18.23
C LEU A 433 2.34 -16.62 -17.41
N MET A 434 2.00 -15.46 -17.96
CA MET A 434 1.11 -14.54 -17.27
C MET A 434 -0.35 -14.93 -17.41
N ASP A 435 -0.78 -15.38 -18.58
CA ASP A 435 -2.17 -15.74 -18.79
C ASP A 435 -2.56 -16.97 -17.98
N THR A 436 -1.70 -18.00 -17.96
CA THR A 436 -2.00 -19.19 -17.18
C THR A 436 -2.04 -18.85 -15.69
N ALA A 437 -1.13 -18.00 -15.22
CA ALA A 437 -1.14 -17.58 -13.83
C ALA A 437 -2.41 -16.82 -13.49
N ALA A 438 -2.84 -15.93 -14.38
CA ALA A 438 -4.08 -15.20 -14.16
C ALA A 438 -5.27 -16.15 -14.10
N GLY A 439 -5.30 -17.15 -14.98
CA GLY A 439 -6.39 -18.10 -14.97
C GLY A 439 -6.44 -18.90 -13.68
N ILE A 440 -5.29 -19.43 -13.25
CA ILE A 440 -5.24 -20.20 -12.01
C ILE A 440 -5.62 -19.33 -10.82
N LEU A 441 -5.16 -18.08 -10.79
CA LEU A 441 -5.46 -17.22 -9.66
C LEU A 441 -6.94 -16.80 -9.64
N GLU A 442 -7.55 -16.60 -10.81
CA GLU A 442 -8.98 -16.34 -10.85
C GLU A 442 -9.78 -17.55 -10.40
N GLU A 443 -9.36 -18.75 -10.84
CA GLU A 443 -10.03 -19.97 -10.39
C GLU A 443 -9.95 -20.13 -8.88
N GLY A 444 -8.78 -19.82 -8.30
CA GLY A 444 -8.64 -19.90 -6.86
C GLY A 444 -9.41 -18.82 -6.13
N ARG A 445 -9.49 -17.62 -6.71
CA ARG A 445 -10.25 -16.54 -6.08
C ARG A 445 -11.74 -16.82 -6.11
N GLN A 446 -12.23 -17.51 -7.15
CA GLN A 446 -13.64 -17.86 -7.21
C GLN A 446 -14.05 -18.85 -6.12
N LEU A 447 -13.09 -19.45 -5.42
CA LEU A 447 -13.43 -20.37 -4.35
C LEU A 447 -14.05 -19.66 -3.16
N ASP A 448 -13.58 -18.45 -2.84
CA ASP A 448 -14.12 -17.67 -1.73
C ASP A 448 -14.12 -16.21 -2.14
N LEU A 449 -15.30 -15.61 -2.24
CA LEU A 449 -15.46 -14.24 -2.68
C LEU A 449 -15.80 -13.34 -1.49
N GLN A 450 -14.78 -13.06 -0.68
CA GLN A 450 -14.97 -12.21 0.50
C GLN A 450 -13.71 -11.42 0.82
N ASP A 451 -12.57 -11.85 0.28
CA ASP A 451 -11.29 -11.20 0.52
C ASP A 451 -10.98 -10.21 -0.60
N ARG A 452 -10.39 -9.09 -0.23
CA ARG A 452 -10.04 -8.05 -1.21
C ARG A 452 -8.58 -8.11 -1.64
N PHE A 453 -7.69 -8.64 -0.80
CA PHE A 453 -6.29 -8.77 -1.18
C PHE A 453 -6.12 -9.71 -2.37
N ILE A 454 -6.82 -10.85 -2.35
CA ILE A 454 -6.74 -11.77 -3.47
C ILE A 454 -7.34 -11.16 -4.73
N ASN A 455 -8.40 -10.35 -4.58
CA ASN A 455 -8.99 -9.68 -5.73
C ASN A 455 -8.02 -8.68 -6.33
N CYS A 456 -7.34 -7.90 -5.49
CA CYS A 456 -6.36 -6.93 -5.98
C CYS A 456 -5.19 -7.64 -6.66
N LYS A 457 -4.73 -8.76 -6.09
CA LYS A 457 -3.64 -9.51 -6.71
C LYS A 457 -4.07 -10.07 -8.06
N THR A 458 -5.32 -10.56 -8.16
CA THR A 458 -5.81 -11.08 -9.43
C THR A 458 -5.92 -9.97 -10.47
N VAL A 459 -6.42 -8.80 -10.07
CA VAL A 459 -6.51 -7.68 -11.01
C VAL A 459 -5.11 -7.27 -11.48
N LYS A 460 -4.15 -7.24 -10.55
CA LYS A 460 -2.78 -6.86 -10.93
C LYS A 460 -2.17 -7.87 -11.89
N TYR A 461 -2.39 -9.16 -11.64
CA TYR A 461 -1.81 -10.18 -12.53
C TYR A 461 -2.51 -10.21 -13.88
N PHE A 462 -3.80 -9.86 -13.93
CA PHE A 462 -4.46 -9.74 -15.23
C PHE A 462 -3.98 -8.51 -15.99
N LEU A 463 -3.69 -7.42 -15.26
CA LEU A 463 -3.10 -6.26 -15.92
C LEU A 463 -1.70 -6.54 -16.42
N ARG A 464 -0.96 -7.39 -15.72
CA ARG A 464 0.36 -7.84 -16.18
C ARG A 464 0.26 -8.89 -17.27
N ALA A 465 -0.94 -9.40 -17.58
CA ALA A 465 -1.13 -10.43 -18.58
C ALA A 465 -1.78 -9.87 -19.86
N ASN A 466 -1.66 -8.57 -20.09
CA ASN A 466 -2.26 -7.91 -21.27
C ASN A 466 -3.76 -8.14 -21.34
N ASN A 467 -4.43 -8.17 -20.19
CA ASN A 467 -5.87 -8.38 -20.11
C ASN A 467 -6.45 -7.28 -19.22
N ILE A 468 -6.96 -6.23 -19.84
CA ILE A 468 -7.45 -5.06 -19.11
C ILE A 468 -8.96 -5.10 -18.92
N ASP A 469 -9.71 -5.53 -19.94
CA ASP A 469 -11.16 -5.57 -19.83
C ASP A 469 -11.61 -6.55 -18.75
N LYS A 470 -11.03 -7.75 -18.76
CA LYS A 470 -11.38 -8.74 -17.74
C LYS A 470 -10.94 -8.28 -16.35
N ALA A 471 -9.79 -7.60 -16.27
CA ALA A 471 -9.33 -7.09 -14.98
C ALA A 471 -10.30 -6.05 -14.43
N VAL A 472 -10.78 -5.14 -15.29
CA VAL A 472 -11.74 -4.14 -14.85
C VAL A 472 -13.06 -4.79 -14.46
N GLU A 473 -13.49 -5.80 -15.22
CA GLU A 473 -14.74 -6.49 -14.91
C GLU A 473 -14.64 -7.21 -13.56
N VAL A 474 -13.47 -7.76 -13.25
CA VAL A 474 -13.28 -8.43 -11.96
C VAL A 474 -13.22 -7.41 -10.84
N ALA A 475 -12.54 -6.28 -11.06
CA ALA A 475 -12.43 -5.26 -10.02
C ALA A 475 -13.76 -4.59 -9.74
N SER A 476 -14.65 -4.53 -10.73
CA SER A 476 -15.96 -3.89 -10.57
C SER A 476 -16.92 -4.87 -9.89
N LEU A 477 -16.65 -5.12 -8.61
CA LEU A 477 -17.50 -6.00 -7.81
C LEU A 477 -17.71 -5.41 -6.42
N PHE A 478 -16.62 -5.23 -5.67
CA PHE A 478 -16.69 -4.65 -4.34
C PHE A 478 -16.77 -3.14 -4.35
N THR A 479 -16.73 -2.50 -5.52
CA THR A 479 -16.80 -1.06 -5.61
C THR A 479 -18.24 -0.58 -5.61
N LYS A 480 -18.42 0.69 -5.24
CA LYS A 480 -19.74 1.30 -5.20
C LYS A 480 -20.18 1.66 -6.62
N ASN A 481 -21.31 1.09 -7.05
CA ASN A 481 -21.85 1.31 -8.39
C ASN A 481 -23.10 2.16 -8.26
N ASP A 482 -23.01 3.42 -8.67
CA ASP A 482 -24.14 4.33 -8.62
C ASP A 482 -24.38 4.98 -9.98
N ASP A 483 -23.67 6.06 -10.27
CA ASP A 483 -23.80 6.78 -11.53
C ASP A 483 -22.80 6.32 -12.59
N SER A 484 -22.47 5.03 -12.61
CA SER A 484 -21.52 4.50 -13.58
C SER A 484 -21.81 3.02 -13.80
N VAL A 485 -21.45 2.53 -14.98
CA VAL A 485 -21.68 1.13 -15.32
C VAL A 485 -20.67 0.23 -14.61
N ASN A 486 -19.51 0.75 -14.24
CA ASN A 486 -18.49 -0.03 -13.55
C ASN A 486 -18.05 0.73 -12.31
N GLY A 487 -16.91 0.35 -11.75
CA GLY A 487 -16.42 0.96 -10.53
C GLY A 487 -15.13 1.75 -10.69
N ILE A 488 -14.92 2.30 -11.88
CA ILE A 488 -13.72 3.11 -12.11
C ILE A 488 -13.79 4.40 -11.31
N LYS A 489 -14.96 5.04 -11.26
CA LYS A 489 -15.12 6.25 -10.46
C LYS A 489 -14.91 5.96 -8.98
N ASP A 490 -15.38 4.81 -8.51
CA ASP A 490 -15.17 4.44 -7.11
C ASP A 490 -13.69 4.18 -6.84
N LEU A 491 -12.99 3.55 -7.78
CA LEU A 491 -11.56 3.33 -7.61
C LEU A 491 -10.77 4.64 -7.62
N HIS A 492 -11.26 5.64 -8.36
CA HIS A 492 -10.61 6.94 -8.37
C HIS A 492 -10.97 7.78 -7.15
N LEU A 493 -12.12 7.51 -6.52
CA LEU A 493 -12.52 8.26 -5.33
C LEU A 493 -11.93 7.70 -4.04
N VAL A 494 -11.44 6.46 -4.05
CA VAL A 494 -10.84 5.86 -2.86
C VAL A 494 -9.34 6.12 -2.88
N GLU A 495 -8.90 7.02 -3.76
CA GLU A 495 -7.51 7.44 -3.85
C GLU A 495 -6.59 6.26 -4.13
N ALA A 496 -6.65 5.74 -5.35
CA ALA A 496 -5.81 4.62 -5.76
C ALA A 496 -4.56 5.11 -6.48
N SER A 497 -3.64 4.18 -6.72
CA SER A 497 -2.38 4.50 -7.39
C SER A 497 -1.80 3.28 -8.08
N TRP A 498 -1.69 2.17 -7.34
CA TRP A 498 -1.10 0.96 -7.90
C TRP A 498 -1.91 0.43 -9.07
N PHE A 499 -3.24 0.51 -8.98
CA PHE A 499 -4.10 0.05 -10.07
C PHE A 499 -3.86 0.86 -11.33
N ILE A 500 -3.81 2.19 -11.21
CA ILE A 500 -3.57 3.05 -12.36
C ILE A 500 -2.19 2.78 -12.95
N VAL A 501 -1.19 2.59 -12.08
CA VAL A 501 0.17 2.34 -12.56
C VAL A 501 0.24 1.03 -13.33
N GLU A 502 -0.40 -0.01 -12.80
CA GLU A 502 -0.38 -1.32 -13.46
C GLU A 502 -1.20 -1.32 -14.74
N GLN A 503 -2.24 -0.50 -14.81
CA GLN A 503 -3.06 -0.46 -16.02
C GLN A 503 -2.39 0.36 -17.12
N ALA A 504 -1.73 1.46 -16.75
CA ALA A 504 -1.02 2.26 -17.74
C ALA A 504 0.14 1.51 -18.36
N GLU A 505 0.82 0.67 -17.57
CA GLU A 505 1.88 -0.16 -18.14
C GLU A 505 1.33 -1.14 -19.16
N ALA A 506 0.16 -1.73 -18.88
CA ALA A 506 -0.47 -2.62 -19.85
C ALA A 506 -0.87 -1.86 -21.11
N TYR A 507 -1.39 -0.65 -20.95
CA TYR A 507 -1.71 0.17 -22.12
C TYR A 507 -0.45 0.45 -22.95
N TYR A 508 0.65 0.78 -22.28
CA TYR A 508 1.89 1.06 -23.00
C TYR A 508 2.42 -0.17 -23.72
N ARG A 509 2.32 -1.34 -23.09
CA ARG A 509 2.75 -2.57 -23.74
C ARG A 509 1.89 -2.88 -24.96
N LEU A 510 0.57 -2.72 -24.84
CA LEU A 510 -0.31 -2.95 -25.97
C LEU A 510 -0.08 -1.95 -27.09
N TYR A 511 0.30 -0.71 -26.75
CA TYR A 511 0.60 0.27 -27.78
C TYR A 511 1.93 -0.03 -28.46
N LEU A 512 2.90 -0.53 -27.71
CA LEU A 512 4.19 -0.86 -28.30
C LEU A 512 4.11 -2.11 -29.16
N ASP A 513 3.23 -3.05 -28.81
CA ASP A 513 3.06 -4.24 -29.65
C ASP A 513 2.52 -3.88 -31.02
N ARG A 514 1.72 -2.81 -31.11
CA ARG A 514 1.19 -2.39 -32.40
C ARG A 514 2.29 -1.89 -33.33
N LYS A 515 3.37 -1.35 -32.77
CA LYS A 515 4.51 -0.95 -33.60
C LYS A 515 5.09 -2.15 -34.32
N LYS A 516 5.38 -3.22 -33.58
CA LYS A 516 5.90 -4.44 -34.21
C LYS A 516 4.88 -5.07 -35.14
N LYS A 517 3.59 -4.98 -34.81
CA LYS A 517 2.56 -5.51 -35.69
C LYS A 517 2.56 -4.80 -37.03
N LEU A 518 2.58 -3.46 -37.01
CA LEU A 518 2.62 -2.69 -38.24
C LEU A 518 3.93 -2.91 -39.00
N ASP A 519 5.04 -3.09 -38.28
CA ASP A 519 6.31 -3.39 -38.95
C ASP A 519 6.23 -4.72 -39.69
N ASP A 520 5.68 -5.75 -39.04
CA ASP A 520 5.54 -7.04 -39.69
C ASP A 520 4.55 -6.99 -40.85
N LEU A 521 3.52 -6.15 -40.75
CA LEU A 521 2.56 -6.03 -41.84
C LEU A 521 3.17 -5.29 -43.03
N ALA A 522 4.01 -4.30 -42.77
CA ALA A 522 4.64 -3.53 -43.85
C ALA A 522 5.86 -4.23 -44.44
N SER A 523 6.43 -5.21 -43.72
CA SER A 523 7.57 -5.94 -44.26
C SER A 523 7.20 -6.70 -45.54
N LEU A 524 5.92 -7.07 -45.69
CA LEU A 524 5.49 -7.75 -46.91
C LEU A 524 5.42 -6.78 -48.09
N LYS A 525 4.76 -5.64 -47.89
CA LYS A 525 4.63 -4.60 -48.91
C LYS A 525 3.98 -5.15 -50.19
N LYS A 526 2.99 -6.02 -50.01
CA LYS A 526 2.24 -6.64 -51.12
C LYS A 526 3.21 -7.36 -52.07
N GLU A 527 3.81 -8.42 -51.53
CA GLU A 527 4.77 -9.22 -52.28
C GLU A 527 4.03 -10.15 -53.23
N VAL A 528 4.15 -9.90 -54.53
CA VAL A 528 3.51 -10.70 -55.59
C VAL A 528 2.01 -10.69 -55.35
N GLU A 529 1.34 -11.83 -55.21
CA GLU A 529 -0.10 -11.88 -54.96
C GLU A 529 -0.33 -11.91 -53.46
N SER A 530 -0.49 -10.72 -52.88
CA SER A 530 -0.72 -10.58 -51.43
C SER A 530 -1.96 -9.71 -51.21
N ASP A 531 -3.10 -10.16 -51.74
CA ASP A 531 -4.35 -9.44 -51.60
C ASP A 531 -5.01 -9.65 -50.25
N LYS A 532 -4.51 -10.58 -49.44
CA LYS A 532 -5.12 -10.83 -48.14
C LYS A 532 -4.90 -9.64 -47.20
N SER A 533 -3.72 -9.03 -47.26
CA SER A 533 -3.42 -7.87 -46.43
C SER A 533 -4.03 -6.58 -46.96
N GLU A 534 -4.54 -6.58 -48.19
CA GLU A 534 -5.16 -5.41 -48.79
C GLU A 534 -6.68 -5.43 -48.71
N GLN A 535 -7.31 -6.58 -48.90
CA GLN A 535 -8.75 -6.67 -48.83
C GLN A 535 -9.27 -6.64 -47.39
N ILE A 536 -8.42 -6.91 -46.41
CA ILE A 536 -8.79 -6.91 -45.00
C ILE A 536 -7.99 -5.80 -44.32
N ALA A 537 -8.63 -4.65 -44.10
CA ALA A 537 -7.98 -3.53 -43.45
C ALA A 537 -8.89 -2.75 -42.51
N ASN A 538 -10.21 -2.91 -42.58
CA ASN A 538 -11.10 -2.18 -41.68
C ASN A 538 -10.90 -2.63 -40.23
N ASP A 539 -10.75 -3.94 -40.02
CA ASP A 539 -10.51 -4.44 -38.67
C ASP A 539 -9.19 -3.93 -38.11
N ILE A 540 -8.15 -3.89 -38.95
CA ILE A 540 -6.84 -3.39 -38.51
C ILE A 540 -6.94 -1.91 -38.18
N LYS A 541 -7.66 -1.13 -38.99
CA LYS A 541 -7.82 0.29 -38.72
C LYS A 541 -8.59 0.52 -37.42
N GLU A 542 -9.64 -0.27 -37.20
CA GLU A 542 -10.40 -0.14 -35.95
C GLU A 542 -9.55 -0.52 -34.75
N ASN A 543 -8.73 -1.57 -34.88
CA ASN A 543 -7.85 -1.96 -33.78
C ASN A 543 -6.83 -0.87 -33.49
N GLN A 544 -6.26 -0.26 -34.53
CA GLN A 544 -5.30 0.83 -34.33
C GLN A 544 -5.97 2.03 -33.67
N TRP A 545 -7.19 2.35 -34.09
CA TRP A 545 -7.92 3.46 -33.48
C TRP A 545 -8.19 3.19 -32.00
N LEU A 546 -8.60 1.97 -31.67
CA LEU A 546 -8.85 1.61 -30.28
C LEU A 546 -7.56 1.67 -29.46
N VAL A 547 -6.44 1.20 -30.03
CA VAL A 547 -5.17 1.24 -29.31
C VAL A 547 -4.74 2.67 -29.06
N ARG A 548 -4.93 3.55 -30.06
CA ARG A 548 -4.58 4.95 -29.87
C ARG A 548 -5.47 5.60 -28.81
N LYS A 549 -6.76 5.27 -28.81
CA LYS A 549 -7.67 5.82 -27.80
C LYS A 549 -7.29 5.36 -26.41
N TYR A 550 -6.94 4.08 -26.25
CA TYR A 550 -6.53 3.59 -24.94
C TYR A 550 -5.18 4.17 -24.51
N LYS A 551 -4.28 4.41 -25.47
CA LYS A 551 -3.02 5.06 -25.13
C LYS A 551 -3.25 6.49 -24.67
N GLY A 552 -4.19 7.20 -25.30
CA GLY A 552 -4.54 8.53 -24.81
C GLY A 552 -5.20 8.50 -23.44
N LEU A 553 -6.05 7.50 -23.21
CA LEU A 553 -6.65 7.35 -21.88
C LEU A 553 -5.59 7.05 -20.83
N ALA A 554 -4.54 6.32 -21.19
CA ALA A 554 -3.44 6.06 -20.25
C ALA A 554 -2.74 7.35 -19.87
N LEU A 555 -2.44 8.21 -20.85
CA LEU A 555 -1.84 9.50 -20.55
C LEU A 555 -2.77 10.37 -19.72
N LYS A 556 -4.08 10.27 -19.96
CA LYS A 556 -5.04 11.00 -19.15
C LYS A 556 -5.02 10.51 -17.70
N ARG A 557 -4.96 9.20 -17.50
CA ARG A 557 -4.91 8.65 -16.15
C ARG A 557 -3.59 8.96 -15.46
N PHE A 558 -2.51 9.13 -16.22
CA PHE A 558 -1.24 9.54 -15.62
C PHE A 558 -1.36 10.88 -14.91
N ASN A 559 -2.21 11.77 -15.40
CA ASN A 559 -2.43 13.08 -14.77
C ASN A 559 -3.45 12.93 -13.64
N ALA A 560 -3.02 12.21 -12.60
CA ALA A 560 -3.87 11.96 -11.45
C ALA A 560 -3.05 11.88 -10.16
N ILE A 561 -1.98 11.08 -10.17
CA ILE A 561 -1.16 10.94 -8.98
C ILE A 561 -0.51 12.25 -8.55
N PRO A 562 0.12 13.04 -9.45
CA PRO A 562 0.56 14.37 -9.02
C PRO A 562 -0.59 15.27 -8.62
N LYS A 563 -1.72 15.19 -9.31
CA LYS A 563 -2.90 15.95 -8.91
C LYS A 563 -3.42 15.49 -7.55
N PHE A 564 -3.37 14.18 -7.29
CA PHE A 564 -3.78 13.67 -5.98
C PHE A 564 -2.87 14.18 -4.89
N TYR A 565 -1.56 14.21 -5.15
CA TYR A 565 -0.62 14.72 -4.15
C TYR A 565 -0.82 16.22 -3.92
N LYS A 566 -1.09 16.97 -4.98
CA LYS A 566 -1.36 18.40 -4.83
C LYS A 566 -2.64 18.62 -4.02
N GLN A 567 -3.67 17.81 -4.26
CA GLN A 567 -4.89 17.92 -3.49
C GLN A 567 -4.66 17.56 -2.02
N PHE A 568 -3.84 16.54 -1.78
CA PHE A 568 -3.52 16.16 -0.40
C PHE A 568 -2.77 17.29 0.31
N GLU A 569 -1.85 17.95 -0.39
CA GLU A 569 -1.12 19.06 0.21
C GLU A 569 -2.02 20.27 0.43
N ASP A 570 -2.98 20.51 -0.46
CA ASP A 570 -3.86 21.65 -0.33
C ASP A 570 -4.95 21.44 0.71
N ASP A 571 -5.30 20.18 0.99
CA ASP A 571 -6.32 19.89 2.00
C ASP A 571 -5.85 20.17 3.42
N GLN A 572 -4.61 20.61 3.61
CA GLN A 572 -4.09 20.95 4.92
C GLN A 572 -4.48 22.35 5.37
N LEU A 573 -5.62 22.87 4.91
CA LEU A 573 -6.01 24.23 5.24
C LEU A 573 -6.44 24.34 6.71
N ASP A 574 -7.49 23.63 7.08
CA ASP A 574 -8.00 23.69 8.45
C ASP A 574 -7.07 23.04 9.46
N PHE A 575 -6.09 22.26 9.00
CA PHE A 575 -5.18 21.59 9.94
C PHE A 575 -4.28 22.58 10.66
N HIS A 576 -3.88 23.68 10.00
CA HIS A 576 -3.04 24.68 10.64
C HIS A 576 -3.72 25.27 11.87
N SER A 577 -5.05 25.36 11.85
CA SER A 577 -5.78 25.85 13.01
C SER A 577 -6.19 24.73 13.96
N TYR A 578 -6.44 23.52 13.43
CA TYR A 578 -6.84 22.42 14.30
C TYR A 578 -5.69 21.96 15.18
N CYS A 579 -4.47 21.91 14.64
CA CYS A 579 -3.32 21.50 15.43
C CYS A 579 -3.01 22.47 16.56
N MET A 580 -3.45 23.72 16.43
CA MET A 580 -3.25 24.71 17.48
C MET A 580 -4.43 24.77 18.46
N ARG A 581 -5.64 24.51 17.98
CA ARG A 581 -6.80 24.51 18.86
C ARG A 581 -6.82 23.27 19.74
N LYS A 582 -6.63 22.09 19.13
CA LYS A 582 -6.62 20.85 19.90
C LYS A 582 -5.36 20.75 20.76
N GLY A 583 -4.25 21.33 20.30
CA GLY A 583 -3.02 21.30 21.07
C GLY A 583 -2.11 20.14 20.70
N THR A 584 -1.81 20.00 19.42
CA THR A 584 -0.94 18.93 18.92
C THR A 584 0.17 19.57 18.09
N PRO A 585 1.19 20.13 18.73
CA PRO A 585 2.30 20.75 17.98
C PRO A 585 3.24 19.71 17.38
N ARG A 586 3.44 18.61 18.10
CA ARG A 586 4.25 17.52 17.56
C ARG A 586 3.59 16.91 16.32
N ALA A 587 2.26 16.74 16.36
CA ALA A 587 1.54 16.29 15.18
C ALA A 587 1.64 17.32 14.06
N TYR A 588 1.69 18.60 14.40
CA TYR A 588 1.86 19.63 13.38
C TYR A 588 3.22 19.52 12.70
N LEU A 589 4.28 19.30 13.49
CA LEU A 589 5.61 19.12 12.90
C LEU A 589 5.67 17.85 12.07
N GLU A 590 5.00 16.78 12.53
CA GLU A 590 4.94 15.55 11.74
C GLU A 590 4.21 15.77 10.43
N MET A 591 3.13 16.54 10.45
CA MET A 591 2.41 16.86 9.22
C MET A 591 3.27 17.70 8.27
N LEU A 592 4.04 18.63 8.82
CA LEU A 592 4.95 19.42 7.99
C LEU A 592 6.00 18.53 7.34
N GLU A 593 6.58 17.60 8.11
CA GLU A 593 7.57 16.68 7.55
C GLU A 593 6.94 15.79 6.48
N TRP A 594 5.70 15.34 6.72
CA TRP A 594 5.02 14.51 5.73
C TRP A 594 4.75 15.27 4.45
N GLY A 595 4.30 16.53 4.56
CA GLY A 595 4.09 17.34 3.38
C GLY A 595 5.37 17.65 2.64
N LYS A 596 6.48 17.77 3.35
CA LYS A 596 7.77 17.98 2.70
C LYS A 596 8.29 16.72 2.03
N ALA A 597 7.99 15.55 2.59
CA ALA A 597 8.47 14.29 2.04
C ALA A 597 7.48 13.62 1.10
N LEU A 598 6.32 14.23 0.86
CA LEU A 598 5.37 13.68 -0.11
C LEU A 598 6.03 13.37 -1.45
N TYR A 599 6.91 14.26 -1.92
CA TYR A 599 7.57 14.10 -3.21
C TYR A 599 8.81 13.22 -3.12
N THR A 600 8.83 12.26 -2.20
CA THR A 600 9.94 11.32 -2.04
C THR A 600 9.45 9.88 -1.99
N LYS A 601 8.32 9.59 -2.66
CA LYS A 601 7.76 8.25 -2.65
C LYS A 601 8.20 7.47 -3.88
N PRO A 602 8.40 6.15 -3.73
CA PRO A 602 8.82 5.35 -4.89
C PRO A 602 7.78 5.33 -6.01
N MET A 603 6.49 5.22 -5.66
CA MET A 603 5.45 5.23 -6.68
C MET A 603 5.41 6.55 -7.42
N TYR A 604 5.63 7.67 -6.70
CA TYR A 604 5.67 8.97 -7.35
C TYR A 604 6.84 9.06 -8.32
N VAL A 605 8.01 8.56 -7.93
CA VAL A 605 9.18 8.59 -8.81
C VAL A 605 8.92 7.72 -10.04
N ARG A 606 8.29 6.55 -9.85
CA ARG A 606 8.00 5.67 -10.98
C ARG A 606 7.02 6.32 -11.95
N ALA A 607 5.96 6.94 -11.42
CA ALA A 607 4.99 7.61 -12.28
C ALA A 607 5.61 8.79 -13.00
N MET A 608 6.48 9.55 -12.32
CA MET A 608 7.15 10.67 -12.97
C MET A 608 8.09 10.20 -14.07
N LYS A 609 8.81 9.10 -13.83
CA LYS A 609 9.68 8.55 -14.87
C LYS A 609 8.88 8.07 -16.07
N GLU A 610 7.75 7.40 -15.84
CA GLU A 610 6.92 6.96 -16.94
C GLU A 610 6.36 8.14 -17.72
N ALA A 611 5.92 9.18 -17.02
CA ALA A 611 5.39 10.36 -17.69
C ALA A 611 6.49 11.06 -18.51
N SER A 612 7.70 11.13 -17.95
CA SER A 612 8.80 11.73 -18.69
C SER A 612 9.13 10.92 -19.94
N LYS A 613 9.15 9.60 -19.83
CA LYS A 613 9.39 8.76 -20.99
C LYS A 613 8.32 8.98 -22.05
N LEU A 614 7.06 9.06 -21.64
CA LEU A 614 5.97 9.28 -22.61
C LEU A 614 6.09 10.64 -23.28
N TYR A 615 6.40 11.68 -22.50
CA TYR A 615 6.53 13.02 -23.09
C TYR A 615 7.71 13.09 -24.05
N PHE A 616 8.84 12.44 -23.71
CA PHE A 616 9.98 12.44 -24.61
C PHE A 616 9.68 11.66 -25.87
N GLN A 617 8.96 10.53 -25.76
CA GLN A 617 8.60 9.78 -26.95
C GLN A 617 7.65 10.58 -27.84
N MET A 618 6.70 11.30 -27.23
CA MET A 618 5.80 12.13 -28.01
C MET A 618 6.55 13.26 -28.71
N HIS A 619 7.46 13.92 -28.00
CA HIS A 619 8.27 14.95 -28.64
C HIS A 619 9.07 14.38 -29.81
N ASP A 620 9.68 13.20 -29.61
CA ASP A 620 10.52 12.61 -30.64
C ASP A 620 9.70 12.26 -31.88
N ASP A 621 8.60 11.53 -31.71
CA ASP A 621 7.85 11.10 -32.89
C ASP A 621 7.10 12.27 -33.53
N ARG A 622 6.75 13.30 -32.75
CA ARG A 622 6.15 14.50 -33.34
C ARG A 622 7.16 15.24 -34.21
N LEU A 623 8.38 15.45 -33.70
CA LEU A 623 9.40 16.09 -34.52
C LEU A 623 9.83 15.21 -35.69
N LYS A 624 9.65 13.89 -35.59
CA LYS A 624 9.96 13.00 -36.71
C LYS A 624 8.91 13.09 -37.80
N ARG A 625 7.63 13.02 -37.43
CA ARG A 625 6.54 13.08 -38.40
C ARG A 625 6.19 14.50 -38.82
N LYS A 626 6.83 15.52 -38.24
CA LYS A 626 6.54 16.90 -38.63
C LYS A 626 7.00 17.18 -40.05
N SER A 627 8.29 16.98 -40.32
CA SER A 627 8.87 17.23 -41.65
C SER A 627 9.58 15.96 -42.09
N ASP A 628 8.86 15.09 -42.80
CA ASP A 628 9.42 13.85 -43.29
C ASP A 628 8.59 13.37 -44.48
N SER A 629 9.17 12.46 -45.25
CA SER A 629 8.53 11.87 -46.43
C SER A 629 8.18 12.99 -47.40
N LEU A 630 7.14 12.79 -48.22
CA LEU A 630 6.72 13.78 -49.19
C LEU A 630 5.27 13.52 -49.56
N ASP A 631 4.74 14.37 -50.44
CA ASP A 631 3.37 14.26 -50.94
C ASP A 631 2.37 14.28 -49.79
N GLU A 632 2.12 15.46 -49.21
CA GLU A 632 1.15 15.56 -48.13
C GLU A 632 -0.28 15.49 -48.64
N ASN A 633 -0.50 15.87 -49.90
CA ASN A 633 -1.85 15.83 -50.46
C ASN A 633 -2.30 14.39 -50.67
N SER A 634 -1.36 13.48 -50.95
CA SER A 634 -1.70 12.08 -51.12
C SER A 634 -1.72 11.31 -49.81
N ASP A 635 -1.36 11.95 -48.69
CA ASP A 635 -1.37 11.32 -47.39
C ASP A 635 -2.43 11.86 -46.44
N GLU A 636 -2.87 13.11 -46.63
CA GLU A 636 -3.90 13.70 -45.80
C GLU A 636 -5.31 13.43 -46.33
N ILE A 637 -5.47 12.46 -47.21
CA ILE A 637 -6.79 12.14 -47.76
C ILE A 637 -7.56 11.21 -46.84
N GLN A 638 -6.87 10.25 -46.23
CA GLN A 638 -7.47 9.26 -45.31
C GLN A 638 -8.57 8.53 -46.07
N ASN A 639 -9.72 8.25 -45.44
CA ASN A 639 -10.82 7.58 -46.12
C ASN A 639 -11.98 8.54 -46.32
N ASN A 640 -13.19 8.10 -45.96
CA ASN A 640 -14.41 8.91 -46.07
C ASN A 640 -14.61 9.41 -47.50
N GLY A 641 -14.44 8.51 -48.46
CA GLY A 641 -14.59 8.86 -49.87
C GLY A 641 -14.38 7.68 -50.79
N GLN A 642 -15.47 7.19 -51.40
CA GLN A 642 -15.44 6.07 -52.32
C GLN A 642 -15.80 6.49 -53.74
N ASN A 643 -15.30 7.65 -54.16
CA ASN A 643 -15.55 8.20 -55.49
C ASN A 643 -17.04 8.32 -55.78
N SER A 644 -17.52 7.62 -56.81
CA SER A 644 -18.93 7.66 -57.19
C SER A 644 -19.68 6.52 -56.51
N SER A 645 -19.86 6.67 -55.20
CA SER A 645 -20.56 5.68 -54.40
C SER A 645 -21.15 6.30 -53.14
N SER A 646 -21.69 7.52 -53.27
CA SER A 646 -22.27 8.26 -52.15
C SER A 646 -21.27 8.41 -51.02
N GLN A 647 -20.29 9.30 -51.19
CA GLN A 647 -19.25 9.48 -50.17
C GLN A 647 -19.77 10.28 -48.98
N LYS A 648 -20.66 11.24 -49.23
CA LYS A 648 -21.16 12.10 -48.16
C LYS A 648 -21.97 11.31 -47.14
N LYS A 649 -22.95 10.55 -47.62
CA LYS A 649 -23.80 9.76 -46.72
C LYS A 649 -22.99 8.68 -46.02
N LYS A 650 -22.04 8.05 -46.73
CA LYS A 650 -21.20 7.03 -46.11
C LYS A 650 -20.34 7.62 -45.00
N ALA A 651 -19.73 8.78 -45.26
CA ALA A 651 -18.91 9.42 -44.24
C ALA A 651 -19.77 9.86 -43.05
N LYS A 652 -20.99 10.35 -43.32
CA LYS A 652 -21.87 10.75 -42.22
C LYS A 652 -22.25 9.56 -41.36
N LYS A 653 -22.60 8.42 -41.99
CA LYS A 653 -22.93 7.23 -41.22
C LYS A 653 -21.73 6.72 -40.44
N GLU A 654 -20.54 6.76 -41.05
CA GLU A 654 -19.34 6.33 -40.34
C GLU A 654 -19.06 7.21 -39.13
N ALA A 655 -19.20 8.53 -39.29
CA ALA A 655 -18.98 9.43 -38.16
C ALA A 655 -20.03 9.22 -37.07
N ALA A 656 -21.29 8.97 -37.46
CA ALA A 656 -22.33 8.71 -36.48
C ALA A 656 -22.05 7.44 -35.70
N ALA A 657 -21.64 6.38 -36.39
CA ALA A 657 -21.32 5.13 -35.72
C ALA A 657 -20.10 5.29 -34.80
N MET A 658 -19.09 6.03 -35.27
CA MET A 658 -17.91 6.26 -34.44
C MET A 658 -18.26 7.04 -33.18
N ASN A 659 -19.11 8.05 -33.31
CA ASN A 659 -19.52 8.83 -32.14
C ASN A 659 -20.36 7.98 -31.18
N LYS A 660 -21.26 7.16 -31.73
CA LYS A 660 -22.09 6.30 -30.88
C LYS A 660 -21.23 5.28 -30.13
N ARG A 661 -20.18 4.78 -30.77
CA ARG A 661 -19.29 3.84 -30.08
C ARG A 661 -18.42 4.56 -29.05
N LYS A 662 -17.93 5.75 -29.39
CA LYS A 662 -17.07 6.50 -28.48
C LYS A 662 -17.83 6.95 -27.24
N GLU A 663 -19.11 7.29 -27.38
CA GLU A 663 -19.90 7.67 -26.21
C GLU A 663 -20.02 6.52 -25.23
N THR A 664 -20.33 5.32 -25.74
CA THR A 664 -20.44 4.15 -24.87
C THR A 664 -19.09 3.79 -24.26
N GLU A 665 -18.01 3.92 -25.03
CA GLU A 665 -16.68 3.62 -24.50
C GLU A 665 -16.31 4.60 -23.38
N ALA A 666 -16.60 5.89 -23.57
CA ALA A 666 -16.29 6.88 -22.55
C ALA A 666 -17.15 6.67 -21.30
N LYS A 667 -18.42 6.28 -21.49
CA LYS A 667 -19.26 5.97 -20.34
C LYS A 667 -18.75 4.72 -19.61
N SER A 668 -18.14 3.79 -20.34
CA SER A 668 -17.59 2.60 -19.69
C SER A 668 -16.32 2.92 -18.91
N VAL A 669 -15.43 3.75 -19.49
CA VAL A 669 -14.18 4.10 -18.82
C VAL A 669 -14.34 5.44 -18.10
N ALA A 670 -15.57 5.77 -17.73
CA ALA A 670 -15.83 7.05 -17.07
C ALA A 670 -15.17 7.09 -15.70
N ALA A 671 -14.39 8.13 -15.45
CA ALA A 671 -13.70 8.30 -14.17
C ALA A 671 -13.88 9.73 -13.67
N TYR A 672 -13.67 10.71 -14.54
CA TYR A 672 -13.80 12.11 -14.18
C TYR A 672 -15.16 12.65 -14.60
N PRO A 673 -15.76 13.54 -13.82
CA PRO A 673 -17.05 14.11 -14.19
C PRO A 673 -16.94 14.96 -15.45
N SER A 674 -18.08 15.16 -16.09
CA SER A 674 -18.12 15.93 -17.34
C SER A 674 -17.97 17.43 -17.07
N ASP A 675 -18.51 17.91 -15.94
CA ASP A 675 -18.42 19.32 -15.61
C ASP A 675 -17.10 19.72 -14.97
N GLN A 676 -16.22 18.75 -14.68
CA GLN A 676 -14.93 19.04 -14.09
C GLN A 676 -13.77 18.89 -15.05
N ASP A 677 -13.89 18.04 -16.07
CA ASP A 677 -12.83 17.84 -17.05
C ASP A 677 -13.47 17.39 -18.36
N ASN A 678 -13.34 18.23 -19.39
CA ASN A 678 -13.91 17.92 -20.70
C ASN A 678 -12.97 17.12 -21.59
N ASP A 679 -11.69 17.01 -21.24
CA ASP A 679 -10.72 16.26 -22.03
C ASP A 679 -10.79 14.78 -21.64
N VAL A 680 -11.91 14.16 -22.04
CA VAL A 680 -12.12 12.74 -21.72
C VAL A 680 -11.41 11.85 -22.71
N PHE A 681 -11.48 12.19 -24.01
CA PHE A 681 -10.85 11.35 -25.03
C PHE A 681 -9.33 11.41 -24.95
N GLY A 682 -8.78 12.50 -24.41
CA GLY A 682 -7.35 12.62 -24.29
C GLY A 682 -6.63 13.06 -25.55
N GLU A 683 -7.35 13.63 -26.51
CA GLU A 683 -6.73 14.07 -27.75
C GLU A 683 -5.91 15.35 -27.58
N LYS A 684 -6.21 16.14 -26.56
CA LYS A 684 -5.47 17.38 -26.32
C LYS A 684 -4.18 17.15 -25.54
N LEU A 685 -4.09 16.04 -24.80
CA LEU A 685 -2.88 15.76 -24.03
C LEU A 685 -1.79 15.15 -24.89
N ILE A 686 -2.17 14.34 -25.88
CA ILE A 686 -1.19 13.71 -26.78
C ILE A 686 -0.70 14.65 -27.86
N GLU A 687 -1.38 15.77 -28.07
CA GLU A 687 -1.00 16.76 -29.09
C GLU A 687 -0.89 18.15 -28.45
N THR A 688 -0.12 18.24 -27.38
CA THR A 688 0.07 19.51 -26.69
C THR A 688 1.02 20.40 -27.47
N SER A 689 1.16 21.64 -26.99
CA SER A 689 2.05 22.60 -27.65
C SER A 689 3.48 22.48 -27.12
N THR A 690 3.67 22.77 -25.83
CA THR A 690 4.98 22.71 -25.19
C THR A 690 4.97 21.60 -24.14
N PRO A 691 5.36 20.38 -24.50
CA PRO A 691 5.37 19.31 -23.49
C PRO A 691 6.47 19.45 -22.45
N MET A 692 7.66 19.89 -22.88
CA MET A 692 8.76 20.05 -21.94
C MET A 692 8.47 21.16 -20.93
N GLU A 693 7.90 22.28 -21.38
CA GLU A 693 7.57 23.36 -20.47
C GLU A 693 6.53 22.92 -19.45
N ASP A 694 5.51 22.18 -19.88
CA ASP A 694 4.50 21.69 -18.95
C ASP A 694 5.09 20.70 -17.96
N PHE A 695 5.94 19.79 -18.44
CA PHE A 695 6.57 18.82 -17.54
C PHE A 695 7.49 19.51 -16.55
N ALA A 696 8.12 20.62 -16.93
CA ALA A 696 9.00 21.33 -16.02
C ALA A 696 8.22 22.16 -15.01
N THR A 697 7.11 22.77 -15.42
CA THR A 697 6.34 23.63 -14.55
C THR A 697 5.28 22.89 -13.75
N GLU A 698 5.08 21.59 -14.00
CA GLU A 698 4.08 20.82 -13.29
C GLU A 698 4.63 19.59 -12.59
N PHE A 699 5.63 18.93 -13.17
CA PHE A 699 6.13 17.67 -12.63
C PHE A 699 7.58 17.72 -12.16
N TYR A 700 8.31 18.79 -12.46
CA TYR A 700 9.73 18.86 -12.15
C TYR A 700 10.08 19.89 -11.09
N ASN A 701 9.37 21.02 -11.03
CA ASN A 701 9.73 22.06 -10.08
C ASN A 701 9.53 21.60 -8.64
N ASN A 702 8.47 20.85 -8.37
CA ASN A 702 8.22 20.37 -7.02
C ASN A 702 9.31 19.39 -6.58
N TYR A 703 9.65 18.43 -7.44
CA TYR A 703 10.70 17.48 -7.10
C TYR A 703 12.07 18.15 -7.02
N SER A 704 12.26 19.27 -7.72
CA SER A 704 13.53 19.97 -7.65
C SER A 704 13.64 20.81 -6.39
N MET A 705 12.53 21.39 -5.93
CA MET A 705 12.55 22.22 -4.74
C MET A 705 12.44 21.42 -3.45
N GLN A 706 11.90 20.20 -3.51
CA GLN A 706 11.77 19.34 -2.34
C GLN A 706 12.44 18.00 -2.64
N VAL A 707 13.72 17.90 -2.27
CA VAL A 707 14.48 16.68 -2.47
C VAL A 707 15.65 16.70 -1.50
N ARG A 708 16.13 15.51 -1.12
CA ARG A 708 17.25 15.40 -0.19
C ARG A 708 18.58 15.51 -0.94
N GLU A 709 19.59 14.77 -0.46
CA GLU A 709 20.91 14.77 -1.08
C GLU A 709 21.29 13.42 -1.66
N ASP A 710 21.26 12.36 -0.85
CA ASP A 710 21.62 11.04 -1.34
C ASP A 710 20.51 10.40 -2.16
N GLU A 711 19.25 10.74 -1.86
CA GLU A 711 18.10 10.19 -2.58
C GLU A 711 17.74 11.14 -3.71
N ARG A 712 18.36 10.93 -4.86
CA ARG A 712 18.11 11.76 -6.04
C ARG A 712 18.42 10.94 -7.28
N ASP A 713 17.43 10.78 -8.16
CA ASP A 713 17.60 10.05 -9.40
C ASP A 713 18.36 10.90 -10.40
N TYR A 714 19.61 10.52 -10.69
CA TYR A 714 20.42 11.31 -11.61
C TYR A 714 20.15 10.96 -13.06
N ILE A 715 19.68 9.74 -13.34
CA ILE A 715 19.39 9.35 -14.71
C ILE A 715 18.24 10.17 -15.27
N LEU A 716 17.17 10.36 -14.49
CA LEU A 716 16.04 11.15 -14.95
C LEU A 716 16.43 12.62 -15.13
N ASP A 717 17.24 13.16 -14.21
CA ASP A 717 17.69 14.53 -14.35
C ASP A 717 18.54 14.70 -15.60
N PHE A 718 19.42 13.74 -15.88
CA PHE A 718 20.23 13.80 -17.09
C PHE A 718 19.36 13.74 -18.34
N GLU A 719 18.39 12.82 -18.36
CA GLU A 719 17.51 12.71 -19.52
C GLU A 719 16.66 13.96 -19.71
N PHE A 720 16.29 14.63 -18.61
CA PHE A 720 15.50 15.86 -18.73
C PHE A 720 16.35 17.04 -19.20
N ASN A 721 17.59 17.13 -18.71
CA ASN A 721 18.45 18.25 -19.07
C ASN A 721 19.19 18.03 -20.38
N TYR A 722 19.12 16.83 -20.96
CA TYR A 722 19.79 16.59 -22.24
C TYR A 722 19.13 17.37 -23.37
N ARG A 723 17.81 17.25 -23.51
CA ARG A 723 17.08 17.84 -24.63
C ARG A 723 16.55 19.24 -24.33
N ILE A 724 17.28 20.03 -23.54
CA ILE A 724 16.91 21.42 -23.28
C ILE A 724 18.01 22.41 -23.60
N GLY A 725 19.26 21.96 -23.77
CA GLY A 725 20.36 22.84 -24.06
C GLY A 725 21.23 23.20 -22.87
N LYS A 726 20.95 22.64 -21.70
CA LYS A 726 21.73 22.91 -20.49
C LYS A 726 22.55 21.67 -20.16
N LEU A 727 23.85 21.75 -20.42
CA LEU A 727 24.76 20.63 -20.16
C LEU A 727 25.52 20.77 -18.85
N ALA A 728 25.52 21.96 -18.24
CA ALA A 728 26.19 22.12 -16.95
C ALA A 728 25.51 21.30 -15.87
N LEU A 729 24.17 21.27 -15.87
CA LEU A 729 23.45 20.43 -14.93
C LEU A 729 23.74 18.95 -15.16
N CYS A 730 23.86 18.55 -16.43
CA CYS A 730 24.21 17.17 -16.74
C CYS A 730 25.60 16.82 -16.19
N PHE A 731 26.57 17.72 -16.39
CA PHE A 731 27.91 17.48 -15.89
C PHE A 731 27.93 17.41 -14.37
N ALA A 732 27.18 18.31 -13.72
CA ALA A 732 27.12 18.29 -12.25
C ALA A 732 26.50 17.01 -11.73
N SER A 733 25.41 16.56 -12.36
CA SER A 733 24.77 15.32 -11.94
C SER A 733 25.68 14.13 -12.16
N LEU A 734 26.41 14.10 -13.28
CA LEU A 734 27.35 13.01 -13.55
C LEU A 734 28.47 13.00 -12.53
N ASN A 735 29.00 14.18 -12.18
CA ASN A 735 30.06 14.25 -11.19
C ASN A 735 29.57 13.80 -9.81
N LYS A 736 28.36 14.22 -9.43
CA LYS A 736 27.81 13.79 -8.15
C LYS A 736 27.58 12.28 -8.12
N PHE A 737 27.08 11.72 -9.22
CA PHE A 737 26.88 10.28 -9.29
C PHE A 737 28.21 9.54 -9.18
N ALA A 738 29.23 10.02 -9.88
CA ALA A 738 30.54 9.37 -9.81
C ALA A 738 31.17 9.49 -8.43
N LYS A 739 30.92 10.60 -7.73
CA LYS A 739 31.47 10.77 -6.40
C LYS A 739 30.73 9.95 -5.36
N ARG A 740 29.42 9.75 -5.52
CA ARG A 740 28.63 9.01 -4.55
C ARG A 740 28.69 7.50 -4.83
N PHE A 741 28.15 7.08 -5.97
CA PHE A 741 28.06 5.66 -6.31
C PHE A 741 29.30 5.12 -7.00
N GLY A 742 30.45 5.78 -6.81
CA GLY A 742 31.69 5.32 -7.40
C GLY A 742 31.73 5.54 -8.91
N THR A 743 32.86 5.12 -9.49
CA THR A 743 33.10 5.25 -10.92
C THR A 743 33.22 3.91 -11.63
N THR A 744 32.87 2.81 -10.96
CA THR A 744 32.96 1.48 -11.53
C THR A 744 31.60 0.95 -11.99
N SER A 745 30.74 1.82 -12.51
CA SER A 745 29.42 1.44 -12.99
C SER A 745 29.30 1.71 -14.48
N GLY A 746 28.58 0.83 -15.18
CA GLY A 746 28.41 0.99 -16.61
C GLY A 746 27.56 2.19 -16.97
N LEU A 747 26.67 2.62 -16.07
CA LEU A 747 25.84 3.79 -16.33
C LEU A 747 26.70 5.05 -16.45
N PHE A 748 27.75 5.15 -15.63
CA PHE A 748 28.65 6.30 -15.72
C PHE A 748 29.33 6.35 -17.08
N GLY A 749 29.86 5.21 -17.54
CA GLY A 749 30.49 5.19 -18.85
C GLY A 749 29.52 5.48 -19.98
N SER A 750 28.29 4.95 -19.88
CA SER A 750 27.29 5.20 -20.90
C SER A 750 26.94 6.69 -20.97
N MET A 751 26.73 7.32 -19.80
CA MET A 751 26.42 8.74 -19.78
C MET A 751 27.60 9.57 -20.29
N ALA A 752 28.83 9.16 -19.98
CA ALA A 752 29.99 9.88 -20.48
C ALA A 752 30.09 9.78 -21.99
N ILE A 753 29.82 8.59 -22.55
CA ILE A 753 29.86 8.43 -24.00
C ILE A 753 28.76 9.25 -24.65
N VAL A 754 27.57 9.27 -24.06
CA VAL A 754 26.47 10.06 -24.61
C VAL A 754 26.82 11.54 -24.60
N LEU A 755 27.40 12.02 -23.49
CA LEU A 755 27.78 13.43 -23.41
C LEU A 755 28.88 13.77 -24.42
N LEU A 756 29.85 12.86 -24.59
CA LEU A 756 30.93 13.12 -25.54
C LEU A 756 30.41 13.15 -26.97
N HIS A 757 29.44 12.29 -27.30
CA HIS A 757 28.85 12.32 -28.63
C HIS A 757 27.92 13.52 -28.81
N ALA A 758 27.34 14.03 -27.71
CA ALA A 758 26.50 15.21 -27.81
C ALA A 758 27.31 16.49 -27.95
N THR A 759 28.51 16.53 -27.37
CA THR A 759 29.37 17.71 -27.50
C THR A 759 30.02 17.84 -28.88
N ARG A 760 29.68 16.96 -29.82
CA ARG A 760 30.23 17.06 -31.17
C ARG A 760 29.61 18.25 -31.91
N ASN A 761 30.41 18.88 -32.76
CA ASN A 761 29.95 20.04 -33.50
C ASN A 761 28.87 19.70 -34.52
N ASP A 762 28.68 18.42 -34.83
CA ASP A 762 27.64 18.03 -35.79
C ASP A 762 26.25 18.22 -35.21
N THR A 763 26.07 17.98 -33.91
CA THR A 763 24.77 18.14 -33.29
C THR A 763 24.44 19.61 -33.12
N PRO A 764 23.28 20.07 -33.59
CA PRO A 764 22.94 21.50 -33.47
C PRO A 764 22.59 21.91 -32.06
N PHE A 765 23.52 22.56 -31.37
CA PHE A 765 23.28 23.05 -30.01
C PHE A 765 24.00 24.38 -29.79
N ASP A 766 24.67 24.51 -28.65
CA ASP A 766 25.40 25.73 -28.32
C ASP A 766 26.89 25.42 -28.27
N PRO A 767 27.71 26.06 -29.13
CA PRO A 767 29.16 25.77 -29.09
C PRO A 767 29.82 26.16 -27.78
N ILE A 768 29.33 27.20 -27.11
CA ILE A 768 29.94 27.62 -25.85
C ILE A 768 29.74 26.55 -24.78
N LEU A 769 28.53 25.98 -24.70
CA LEU A 769 28.27 24.93 -23.72
C LEU A 769 29.11 23.70 -24.02
N LYS A 770 29.22 23.31 -25.29
CA LYS A 770 30.04 22.17 -25.66
C LYS A 770 31.50 22.41 -25.30
N LYS A 771 32.00 23.62 -25.55
CA LYS A 771 33.39 23.93 -25.25
C LYS A 771 33.65 23.91 -23.75
N VAL A 772 32.74 24.48 -22.95
CA VAL A 772 32.97 24.50 -21.50
C VAL A 772 32.83 23.10 -20.92
N VAL A 773 31.96 22.26 -21.49
CA VAL A 773 31.86 20.87 -21.03
C VAL A 773 33.13 20.10 -21.38
N THR A 774 33.67 20.34 -22.58
CA THR A 774 34.93 19.70 -22.95
C THR A 774 36.06 20.13 -22.03
N LYS A 775 36.12 21.42 -21.70
CA LYS A 775 37.16 21.90 -20.78
C LYS A 775 36.99 21.27 -19.40
N SER A 776 35.75 21.19 -18.90
CA SER A 776 35.52 20.59 -17.60
C SER A 776 35.92 19.11 -17.60
N LEU A 777 35.60 18.39 -18.68
CA LEU A 777 35.98 16.98 -18.77
C LEU A 777 37.48 16.81 -18.81
N GLU A 778 38.17 17.65 -19.60
CA GLU A 778 39.63 17.56 -19.68
C GLU A 778 40.29 17.93 -18.35
N LYS A 779 39.66 18.82 -17.58
CA LYS A 779 40.21 19.19 -16.28
C LYS A 779 39.96 18.12 -15.23
N GLU A 780 38.80 17.48 -15.27
CA GLU A 780 38.44 16.47 -14.26
C GLU A 780 38.98 15.09 -14.65
N TYR A 781 38.37 14.48 -15.66
CA TYR A 781 38.70 13.11 -16.05
C TYR A 781 39.68 13.16 -17.22
N SER A 782 40.96 12.98 -16.93
CA SER A 782 42.00 13.01 -17.94
C SER A 782 42.61 11.63 -18.21
N GLU A 783 42.42 10.67 -17.31
CA GLU A 783 42.96 9.32 -17.47
C GLU A 783 41.86 8.28 -17.27
N ASN A 784 40.69 8.52 -17.87
CA ASN A 784 39.57 7.60 -17.73
C ASN A 784 38.95 7.28 -19.09
N PHE A 785 38.64 8.31 -19.87
CA PHE A 785 38.05 8.14 -21.18
C PHE A 785 38.83 8.95 -22.20
N PRO A 786 39.23 8.37 -23.33
CA PRO A 786 39.97 9.14 -24.34
C PRO A 786 39.13 10.25 -24.94
N LEU A 787 39.49 11.50 -24.62
CA LEU A 787 38.77 12.67 -25.12
C LEU A 787 39.35 13.20 -26.43
N ASN A 788 40.13 12.39 -27.14
CA ASN A 788 40.73 12.80 -28.41
C ASN A 788 40.41 11.81 -29.53
N GLU A 789 39.29 11.11 -29.40
CA GLU A 789 38.86 10.13 -30.40
C GLU A 789 37.52 10.50 -31.04
N ILE A 790 37.16 11.79 -31.01
CA ILE A 790 35.90 12.23 -31.59
C ILE A 790 36.00 12.47 -33.10
N SER A 791 37.20 12.48 -33.66
CA SER A 791 37.40 12.69 -35.08
C SER A 791 37.65 11.40 -35.85
N ASN A 792 37.96 10.31 -35.17
CA ASN A 792 38.21 9.03 -35.82
C ASN A 792 36.92 8.23 -35.88
N ASN A 793 36.50 7.85 -37.09
CA ASN A 793 35.28 7.08 -37.29
C ASN A 793 35.51 5.58 -37.18
N SER A 794 36.75 5.14 -37.01
CA SER A 794 37.06 3.72 -36.90
C SER A 794 37.19 3.24 -35.46
N PHE A 795 37.10 4.15 -34.49
CA PHE A 795 37.20 3.78 -33.08
C PHE A 795 35.86 3.29 -32.58
N ASP A 796 35.81 2.03 -32.12
CA ASP A 796 34.59 1.42 -31.61
C ASP A 796 34.50 1.66 -30.11
N TRP A 797 33.39 2.22 -29.66
CA TRP A 797 33.21 2.48 -28.23
C TRP A 797 32.68 1.27 -27.49
N LEU A 798 31.97 0.36 -28.20
CA LEU A 798 31.43 -0.82 -27.54
C LEU A 798 32.55 -1.74 -27.04
N ASN A 799 33.60 -1.90 -27.84
CA ASN A 799 34.73 -2.73 -27.42
C ASN A 799 35.42 -2.14 -26.20
N PHE A 800 35.64 -0.82 -26.19
CA PHE A 800 36.25 -0.18 -25.04
C PHE A 800 35.37 -0.30 -23.80
N TYR A 801 34.05 -0.17 -23.98
CA TYR A 801 33.13 -0.31 -22.85
C TYR A 801 33.15 -1.73 -22.29
N GLN A 802 33.11 -2.74 -23.16
CA GLN A 802 33.12 -4.11 -22.68
C GLN A 802 34.49 -4.54 -22.15
N GLU A 803 35.55 -3.81 -22.52
CA GLU A 803 36.86 -4.09 -21.93
C GLU A 803 36.99 -3.46 -20.56
N LYS A 804 36.48 -2.24 -20.38
CA LYS A 804 36.55 -1.59 -19.08
C LYS A 804 35.43 -2.07 -18.15
N PHE A 805 34.21 -1.58 -18.37
CA PHE A 805 33.10 -1.88 -17.48
C PHE A 805 32.50 -3.26 -17.72
N GLY A 806 32.76 -3.87 -18.88
CA GLY A 806 32.23 -5.18 -19.19
C GLY A 806 30.81 -5.12 -19.74
N LYS A 807 30.37 -6.25 -20.26
CA LYS A 807 29.03 -6.38 -20.82
C LYS A 807 28.03 -7.02 -19.86
N ASN A 808 28.45 -7.30 -18.62
CA ASN A 808 27.55 -7.92 -17.65
C ASN A 808 26.49 -6.95 -17.13
N ASP A 809 26.72 -5.64 -17.25
CA ASP A 809 25.74 -4.66 -16.80
C ASP A 809 24.57 -4.62 -17.76
N ILE A 810 23.36 -4.60 -17.21
CA ILE A 810 22.15 -4.58 -18.04
C ILE A 810 21.60 -3.17 -18.19
N ASN A 811 21.66 -2.37 -17.12
CA ASN A 811 21.14 -1.00 -17.19
C ASN A 811 21.94 -0.16 -18.19
N GLY A 812 23.26 -0.33 -18.21
CA GLY A 812 24.07 0.40 -19.17
C GLY A 812 23.75 0.03 -20.61
N LEU A 813 23.57 -1.27 -20.88
CA LEU A 813 23.22 -1.70 -22.22
C LEU A 813 21.84 -1.19 -22.62
N LEU A 814 20.88 -1.20 -21.68
CA LEU A 814 19.56 -0.67 -21.98
C LEU A 814 19.63 0.83 -22.28
N PHE A 815 20.43 1.57 -21.52
CA PHE A 815 20.57 3.00 -21.77
C PHE A 815 21.22 3.26 -23.13
N LEU A 816 22.25 2.48 -23.47
CA LEU A 816 22.90 2.66 -24.76
C LEU A 816 21.97 2.30 -25.92
N TYR A 817 21.12 1.29 -25.73
CA TYR A 817 20.16 0.94 -26.78
C TYR A 817 19.05 2.00 -26.89
N ARG A 818 18.67 2.60 -25.77
CA ARG A 818 17.67 3.67 -25.82
C ARG A 818 18.22 4.92 -26.49
N TYR A 819 19.47 5.27 -26.20
CA TYR A 819 20.13 6.42 -26.81
C TYR A 819 21.18 5.94 -27.81
N ARG A 820 20.70 5.40 -28.94
CA ARG A 820 21.56 4.90 -29.99
C ARG A 820 21.49 5.70 -31.27
N ASP A 821 20.47 6.55 -31.44
CA ASP A 821 20.36 7.33 -32.67
C ASP A 821 21.39 8.46 -32.69
N ASP A 822 21.61 9.12 -31.56
CA ASP A 822 22.61 10.18 -31.47
C ASP A 822 24.01 9.67 -31.23
N VAL A 823 24.17 8.43 -30.77
CA VAL A 823 25.48 7.85 -30.50
C VAL A 823 25.68 6.67 -31.45
N PRO A 824 26.31 6.88 -32.61
CA PRO A 824 26.50 5.76 -33.55
C PRO A 824 27.61 4.81 -33.11
N ILE A 825 27.22 3.74 -32.41
CA ILE A 825 28.18 2.72 -31.96
C ILE A 825 27.72 1.35 -32.43
N GLY A 826 26.83 1.32 -33.42
CA GLY A 826 26.31 0.09 -33.96
C GLY A 826 24.86 -0.15 -33.54
N SER A 827 24.36 -1.33 -33.93
CA SER A 827 22.98 -1.71 -33.62
C SER A 827 22.86 -3.22 -33.50
N SER A 828 23.20 -3.94 -34.58
CA SER A 828 23.08 -5.40 -34.56
C SER A 828 24.06 -6.02 -33.58
N ASN A 829 25.30 -5.53 -33.54
CA ASN A 829 26.28 -6.06 -32.60
C ASN A 829 25.86 -5.78 -31.17
N LEU A 830 25.33 -4.58 -30.91
CA LEU A 830 24.85 -4.25 -29.56
C LEU A 830 23.68 -5.15 -29.16
N LYS A 831 22.76 -5.40 -30.11
CA LYS A 831 21.63 -6.27 -29.80
C LYS A 831 22.09 -7.69 -29.51
N GLU A 832 23.05 -8.19 -30.29
CA GLU A 832 23.57 -9.53 -30.05
C GLU A 832 24.28 -9.62 -28.70
N MET A 833 25.03 -8.58 -28.35
CA MET A 833 25.70 -8.56 -27.05
C MET A 833 24.69 -8.54 -25.91
N ILE A 834 23.61 -7.76 -26.07
CA ILE A 834 22.58 -7.71 -25.03
C ILE A 834 21.89 -9.06 -24.90
N ILE A 835 21.61 -9.72 -26.02
CA ILE A 835 20.98 -11.04 -25.98
C ILE A 835 21.90 -12.04 -25.30
N SER A 836 23.20 -11.97 -25.58
CA SER A 836 24.14 -12.89 -24.96
C SER A 836 24.34 -12.60 -23.47
N SER A 837 24.22 -11.34 -23.06
CA SER A 837 24.43 -10.97 -21.68
C SER A 837 23.18 -11.12 -20.81
N LEU A 838 22.00 -11.19 -21.42
CA LEU A 838 20.76 -11.34 -20.65
C LEU A 838 20.51 -12.78 -20.21
N SER A 839 21.31 -13.74 -20.66
CA SER A 839 21.06 -15.15 -20.36
C SER A 839 21.17 -15.48 -18.87
N PRO A 840 22.11 -14.88 -18.10
CA PRO A 840 22.14 -15.19 -16.65
C PRO A 840 21.14 -14.39 -15.84
N LEU A 841 19.87 -14.41 -16.24
CA LEU A 841 18.80 -13.71 -15.52
C LEU A 841 17.54 -14.57 -15.51
N GLU A 842 16.40 -13.92 -15.29
CA GLU A 842 15.14 -14.63 -15.22
C GLU A 842 14.46 -14.66 -16.59
N PRO A 843 13.73 -15.74 -16.91
CA PRO A 843 13.12 -15.84 -18.24
C PRO A 843 12.08 -14.77 -18.54
N HIS A 844 11.29 -14.36 -17.54
CA HIS A 844 10.25 -13.38 -17.80
C HIS A 844 10.85 -12.02 -18.15
N SER A 845 11.93 -11.62 -17.46
CA SER A 845 12.58 -10.36 -17.79
C SER A 845 13.21 -10.42 -19.17
N GLN A 846 13.84 -11.54 -19.51
CA GLN A 846 14.43 -11.70 -20.84
C GLN A 846 13.35 -11.57 -21.91
N ASN A 847 12.21 -12.24 -21.70
CA ASN A 847 11.13 -12.18 -22.68
C ASN A 847 10.57 -10.77 -22.80
N GLU A 848 10.40 -10.07 -21.67
CA GLU A 848 9.89 -8.70 -21.72
C GLU A 848 10.85 -7.77 -22.45
N ILE A 849 12.15 -7.93 -22.22
CA ILE A 849 13.14 -7.09 -22.89
C ILE A 849 13.18 -7.39 -24.38
N LEU A 850 13.10 -8.67 -24.75
CA LEU A 850 13.14 -9.03 -26.16
C LEU A 850 11.87 -8.62 -26.89
N GLN A 851 10.74 -8.53 -26.19
CA GLN A 851 9.49 -8.17 -26.82
C GLN A 851 9.27 -6.67 -26.88
N TYR A 852 9.70 -5.91 -25.86
CA TYR A 852 9.43 -4.49 -25.79
C TYR A 852 10.70 -3.65 -25.78
N TYR A 853 11.64 -3.94 -24.89
CA TYR A 853 12.86 -3.14 -24.79
C TYR A 853 13.80 -3.37 -25.97
N LEU A 854 13.58 -4.40 -26.78
CA LEU A 854 14.42 -4.65 -27.95
C LEU A 854 13.58 -4.87 -29.19
N PRO B 2 10.17 -10.22 9.60
CA PRO B 2 9.61 -10.40 10.95
C PRO B 2 8.49 -9.41 11.25
N ILE B 3 8.14 -9.27 12.53
CA ILE B 3 7.06 -8.39 12.97
C ILE B 3 7.65 -7.40 13.97
N ASN B 4 7.39 -6.11 13.75
CA ASN B 4 7.86 -5.05 14.62
C ASN B 4 6.72 -4.09 14.89
N ILE B 5 6.33 -3.96 16.15
CA ILE B 5 5.24 -3.08 16.56
C ILE B 5 5.81 -1.71 16.89
N ARG B 6 5.13 -0.66 16.42
CA ARG B 6 5.56 0.70 16.71
C ARG B 6 4.37 1.63 16.57
N ARG B 7 4.61 2.93 16.78
CA ARG B 7 3.55 3.92 16.70
C ARG B 7 3.27 4.29 15.25
N ALA B 8 2.00 4.54 14.95
CA ALA B 8 1.58 4.88 13.60
C ALA B 8 2.09 6.27 13.25
N THR B 9 3.11 6.34 12.40
CA THR B 9 3.66 7.61 11.94
C THR B 9 2.87 8.11 10.73
N ILE B 10 2.96 9.43 10.50
CA ILE B 10 2.23 10.02 9.39
C ILE B 10 2.95 9.79 8.07
N ASN B 11 4.27 9.71 8.09
CA ASN B 11 5.07 9.62 6.87
C ASN B 11 4.76 8.36 6.06
N ASP B 12 3.92 7.49 6.60
CA ASP B 12 3.56 6.25 5.91
C ASP B 12 2.05 6.05 5.78
N ILE B 13 1.23 7.01 6.22
CA ILE B 13 -0.22 6.79 6.22
C ILE B 13 -0.73 6.49 4.82
N ILE B 14 -0.13 7.11 3.79
CA ILE B 14 -0.51 6.80 2.42
C ILE B 14 -0.38 5.30 2.16
N CYS B 15 0.79 4.74 2.47
CA CYS B 15 0.96 3.30 2.36
C CYS B 15 -0.04 2.55 3.23
N MET B 16 -0.33 3.09 4.41
CA MET B 16 -1.37 2.49 5.26
C MET B 16 -2.70 2.44 4.51
N GLN B 17 -3.05 3.51 3.81
CA GLN B 17 -4.26 3.50 3.00
C GLN B 17 -4.21 2.38 1.96
N ASN B 18 -3.03 2.14 1.38
CA ASN B 18 -2.89 1.02 0.46
C ASN B 18 -3.26 -0.29 1.12
N ALA B 19 -2.88 -0.47 2.39
CA ALA B 19 -3.26 -1.66 3.12
C ALA B 19 -4.78 -1.77 3.22
N ASN B 20 -5.46 -0.64 3.38
CA ASN B 20 -6.92 -0.65 3.36
C ASN B 20 -7.44 -1.17 2.02
N LEU B 21 -6.79 -0.76 0.92
CA LEU B 21 -7.17 -1.26 -0.40
C LEU B 21 -6.99 -2.76 -0.51
N HIS B 22 -6.22 -3.38 0.38
CA HIS B 22 -6.05 -4.82 0.41
C HIS B 22 -6.71 -5.45 1.64
N ASN B 23 -7.62 -4.74 2.28
CA ASN B 23 -8.27 -5.26 3.48
C ASN B 23 -9.77 -4.99 3.46
N LEU B 24 -10.23 -4.07 4.30
CA LEU B 24 -11.66 -3.79 4.40
C LEU B 24 -12.13 -3.05 3.15
N PRO B 25 -13.29 -3.43 2.59
CA PRO B 25 -13.79 -2.73 1.41
C PRO B 25 -14.16 -1.28 1.66
N GLU B 26 -14.60 -0.95 2.88
CA GLU B 26 -14.99 0.42 3.20
C GLU B 26 -13.74 1.31 3.30
N ASN B 27 -13.35 1.92 2.19
CA ASN B 27 -12.18 2.78 2.18
C ASN B 27 -12.54 4.16 2.74
N TYR B 28 -11.50 4.96 2.99
CA TYR B 28 -11.67 6.31 3.52
C TYR B 28 -10.77 7.26 2.76
N MET B 29 -11.16 8.52 2.73
CA MET B 29 -10.38 9.54 2.04
C MET B 29 -9.13 9.89 2.85
N MET B 30 -8.30 10.76 2.26
CA MET B 30 -7.08 11.19 2.95
C MET B 30 -7.39 12.05 4.16
N LYS B 31 -8.47 12.84 4.10
CA LYS B 31 -8.83 13.68 5.23
C LYS B 31 -9.16 12.85 6.46
N TYR B 32 -9.84 11.72 6.28
CA TYR B 32 -10.18 10.86 7.39
C TYR B 32 -8.94 10.35 8.10
N TYR B 33 -7.99 9.79 7.36
CA TYR B 33 -6.79 9.25 7.95
C TYR B 33 -5.92 10.36 8.56
N MET B 34 -5.85 11.51 7.90
CA MET B 34 -5.08 12.62 8.45
C MET B 34 -5.66 13.09 9.78
N TYR B 35 -6.98 13.22 9.84
CA TYR B 35 -7.61 13.63 11.10
C TYR B 35 -7.38 12.60 12.19
N HIS B 36 -7.54 11.32 11.86
CA HIS B 36 -7.38 10.28 12.88
C HIS B 36 -5.93 10.04 13.27
N ILE B 37 -4.98 10.50 12.46
CA ILE B 37 -3.57 10.37 12.82
C ILE B 37 -3.01 11.63 13.47
N LEU B 38 -3.64 12.79 13.28
CA LEU B 38 -3.18 14.02 13.89
C LEU B 38 -4.00 14.42 15.12
N SER B 39 -5.13 13.78 15.36
CA SER B 39 -5.95 14.10 16.54
C SER B 39 -5.49 13.36 17.78
N TRP B 40 -5.30 12.04 17.69
CA TRP B 40 -4.83 11.23 18.82
C TRP B 40 -3.77 10.27 18.32
N PRO B 41 -2.52 10.72 18.25
CA PRO B 41 -1.45 9.83 17.77
C PRO B 41 -1.03 8.77 18.79
N GLU B 42 -1.42 8.90 20.05
CA GLU B 42 -1.05 7.94 21.08
C GLU B 42 -2.17 6.91 21.29
N ALA B 43 -2.56 6.28 20.17
CA ALA B 43 -3.61 5.27 20.20
C ALA B 43 -3.47 4.33 19.00
N SER B 44 -3.28 4.89 17.81
CA SER B 44 -3.16 4.08 16.61
C SER B 44 -1.73 3.59 16.46
N PHE B 45 -1.58 2.29 16.19
CA PHE B 45 -0.28 1.65 16.08
C PHE B 45 -0.12 0.97 14.73
N VAL B 46 1.12 0.60 14.42
CA VAL B 46 1.43 -0.08 13.17
C VAL B 46 2.36 -1.25 13.45
N ALA B 47 2.37 -2.21 12.52
CA ALA B 47 3.21 -3.39 12.58
C ALA B 47 3.89 -3.54 11.22
N THR B 48 5.22 -3.45 11.22
CA THR B 48 6.00 -3.53 9.99
C THR B 48 7.04 -4.63 10.08
N THR B 49 8.02 -4.62 9.19
CA THR B 49 9.12 -5.57 9.19
C THR B 49 10.40 -4.87 9.63
N THR B 50 11.48 -5.65 9.70
CA THR B 50 12.78 -5.13 10.12
C THR B 50 13.88 -5.99 9.51
N THR B 51 14.86 -5.33 8.89
CA THR B 51 16.00 -6.02 8.29
C THR B 51 17.28 -5.35 8.77
N LEU B 52 18.10 -6.10 9.50
CA LEU B 52 19.36 -5.61 10.04
C LEU B 52 20.50 -6.49 9.55
N ASP B 53 21.72 -6.17 10.01
CA ASP B 53 22.90 -6.84 9.51
C ASP B 53 22.96 -8.30 9.98
N CYS B 54 23.68 -9.13 9.23
CA CYS B 54 23.82 -10.55 9.55
C CYS B 54 25.11 -11.04 8.91
N GLU B 55 26.22 -10.85 9.63
CA GLU B 55 27.55 -11.23 9.18
C GLU B 55 27.87 -10.64 7.80
N ASP B 56 28.27 -9.37 7.77
CA ASP B 56 28.63 -8.72 6.52
C ASP B 56 30.01 -9.18 6.07
N SER B 57 30.12 -9.51 4.78
CA SER B 57 31.37 -9.98 4.18
C SER B 57 31.93 -11.19 4.93
N ASP B 58 32.64 -10.94 6.03
CA ASP B 58 33.23 -11.99 6.87
C ASP B 58 34.21 -12.80 6.00
N GLU B 59 34.27 -14.12 6.24
CA GLU B 59 35.17 -14.97 5.47
C GLU B 59 34.56 -16.36 5.28
N GLN B 60 33.69 -16.77 6.19
CA GLN B 60 33.04 -18.07 6.11
C GLN B 60 31.98 -18.04 5.01
N ASP B 61 32.32 -18.61 3.85
CA ASP B 61 31.43 -18.65 2.70
C ASP B 61 30.98 -17.25 2.29
N GLU B 62 31.97 -16.40 2.05
CA GLU B 62 31.72 -15.01 1.66
C GLU B 62 31.33 -14.93 0.20
N ASN B 63 30.43 -14.00 -0.11
CA ASN B 63 29.96 -13.80 -1.48
C ASN B 63 29.52 -12.36 -1.64
N ASP B 64 30.16 -11.64 -2.56
CA ASP B 64 29.84 -10.24 -2.81
C ASP B 64 28.69 -10.06 -3.79
N LYS B 65 28.15 -11.15 -4.33
CA LYS B 65 27.03 -11.09 -5.27
C LYS B 65 25.69 -11.36 -4.59
N LEU B 66 25.52 -10.88 -3.37
CA LEU B 66 24.27 -11.09 -2.64
C LEU B 66 23.22 -10.08 -3.08
N GLU B 67 22.01 -10.27 -2.57
CA GLU B 67 20.89 -9.39 -2.90
C GLU B 67 20.86 -8.19 -1.96
N LEU B 68 20.19 -8.35 -0.81
CA LEU B 68 20.07 -7.30 0.21
C LEU B 68 19.45 -6.03 -0.36
N THR B 69 18.52 -6.19 -1.30
CA THR B 69 17.82 -5.07 -1.94
C THR B 69 18.82 -4.08 -2.56
N LEU B 70 19.85 -4.63 -3.22
CA LEU B 70 20.90 -3.85 -3.87
C LEU B 70 21.57 -2.90 -2.87
N ASP B 71 22.34 -3.52 -1.98
CA ASP B 71 23.07 -2.77 -0.96
C ASP B 71 24.42 -3.37 -0.59
N GLY B 72 24.77 -4.53 -1.13
CA GLY B 72 26.05 -5.16 -0.82
C GLY B 72 27.19 -4.45 -1.54
N THR B 73 27.49 -4.89 -2.77
CA THR B 73 28.56 -4.32 -3.57
C THR B 73 27.98 -3.82 -4.90
N ASN B 74 28.25 -2.56 -5.21
CA ASN B 74 27.78 -1.91 -6.45
C ASN B 74 26.26 -1.97 -6.49
N ASP B 75 25.70 -2.09 -7.70
CA ASP B 75 24.25 -2.16 -7.91
C ASP B 75 23.53 -0.95 -7.32
N GLY B 76 24.21 0.19 -7.27
CA GLY B 76 23.67 1.44 -6.74
C GLY B 76 23.12 1.27 -5.32
N ARG B 77 22.22 2.16 -4.91
CA ARG B 77 21.62 2.09 -3.59
C ARG B 77 20.34 2.91 -3.57
N THR B 78 19.23 2.31 -4.03
CA THR B 78 17.93 2.97 -4.08
C THR B 78 16.90 2.08 -3.41
N ILE B 79 15.64 2.45 -3.57
CA ILE B 79 14.52 1.69 -3.00
C ILE B 79 13.83 0.92 -4.13
N LYS B 80 13.34 -0.27 -3.81
CA LYS B 80 12.67 -1.09 -4.79
C LYS B 80 11.29 -0.54 -5.09
N LEU B 81 10.90 -0.59 -6.36
CA LEU B 81 9.59 -0.11 -6.79
C LEU B 81 8.47 -0.97 -6.20
N ASP B 82 8.01 -0.62 -5.00
CA ASP B 82 6.99 -1.38 -4.31
C ASP B 82 6.23 -0.47 -3.35
N PRO B 83 4.93 -0.24 -3.57
CA PRO B 83 4.18 0.65 -2.68
C PRO B 83 4.04 0.14 -1.25
N THR B 84 4.27 -1.16 -1.01
CA THR B 84 4.20 -1.71 0.33
C THR B 84 5.45 -1.45 1.16
N TYR B 85 6.55 -1.04 0.52
CA TYR B 85 7.78 -0.78 1.25
C TYR B 85 7.73 0.60 1.91
N LEU B 86 8.49 0.73 2.99
CA LEU B 86 8.58 1.99 3.72
C LEU B 86 10.02 2.46 3.81
N ALA B 87 10.96 1.52 3.74
CA ALA B 87 12.38 1.81 3.83
C ALA B 87 13.15 0.64 3.20
N PRO B 88 14.37 0.88 2.73
CA PRO B 88 15.16 -0.23 2.17
C PRO B 88 15.40 -1.34 3.18
N GLY B 89 14.40 -2.20 3.37
CA GLY B 89 14.46 -3.27 4.33
C GLY B 89 13.39 -3.19 5.39
N GLU B 90 12.25 -2.58 5.04
CA GLU B 90 11.16 -2.43 5.98
C GLU B 90 9.87 -2.21 5.20
N LYS B 91 8.87 -3.05 5.46
CA LYS B 91 7.56 -2.93 4.83
C LYS B 91 6.47 -3.12 5.89
N LEU B 92 5.36 -2.42 5.71
CA LEU B 92 4.26 -2.48 6.67
C LEU B 92 3.41 -3.70 6.41
N VAL B 93 3.07 -4.43 7.48
CA VAL B 93 2.23 -5.61 7.37
C VAL B 93 0.85 -5.42 8.01
N GLY B 94 0.67 -4.41 8.85
CA GLY B 94 -0.65 -4.16 9.39
C GLY B 94 -0.68 -2.90 10.22
N TYR B 95 -1.88 -2.52 10.65
CA TYR B 95 -2.04 -1.37 11.52
C TYR B 95 -3.39 -1.44 12.23
N VAL B 96 -3.53 -0.57 13.23
CA VAL B 96 -4.75 -0.43 14.00
C VAL B 96 -4.98 1.07 14.25
N LEU B 97 -6.13 1.56 13.82
CA LEU B 97 -6.51 2.96 13.98
C LEU B 97 -7.55 3.06 15.08
N VAL B 98 -7.27 3.91 16.08
CA VAL B 98 -8.14 4.10 17.23
C VAL B 98 -8.38 5.59 17.43
N LYS B 99 -9.63 5.97 17.63
CA LYS B 99 -10.02 7.35 17.85
C LYS B 99 -10.62 7.51 19.24
N MET B 100 -11.01 8.74 19.56
CA MET B 100 -11.66 9.06 20.82
C MET B 100 -12.97 9.76 20.54
N ASN B 101 -13.88 9.70 21.53
CA ASN B 101 -15.19 10.31 21.39
C ASN B 101 -15.08 11.83 21.48
N ASP B 102 -15.52 12.51 20.42
CA ASP B 102 -15.48 13.97 20.39
C ASP B 102 -16.77 14.61 19.87
N ASP B 103 -17.68 13.84 19.28
CA ASP B 103 -18.92 14.41 18.78
C ASP B 103 -19.90 14.63 19.94
N PRO B 104 -20.66 15.73 19.91
CA PRO B 104 -21.63 15.97 20.98
C PRO B 104 -22.81 15.02 20.92
N ASP B 105 -23.25 14.57 22.09
CA ASP B 105 -24.36 13.64 22.19
C ASP B 105 -25.45 14.11 23.15
N GLN B 106 -25.30 15.29 23.74
CA GLN B 106 -26.29 15.85 24.68
C GLN B 106 -26.55 14.90 25.84
N GLN B 107 -25.47 14.34 26.40
CA GLN B 107 -25.60 13.42 27.52
C GLN B 107 -24.38 13.38 28.42
N ASN B 108 -23.36 14.19 28.18
CA ASN B 108 -22.13 14.22 28.97
C ASN B 108 -21.49 12.82 29.04
N GLU B 109 -20.89 12.45 27.92
CA GLU B 109 -20.27 11.14 27.80
C GLU B 109 -18.83 11.20 28.31
N PRO B 110 -18.41 10.31 29.19
CA PRO B 110 -17.03 10.31 29.68
C PRO B 110 -16.08 9.85 28.59
N PRO B 111 -14.79 10.20 28.71
CA PRO B 111 -13.81 9.76 27.70
C PRO B 111 -13.69 8.25 27.66
N ASN B 112 -14.09 7.66 26.53
CA ASN B 112 -14.07 6.22 26.34
C ASN B 112 -13.24 5.89 25.11
N GLY B 113 -12.90 4.60 24.97
CA GLY B 113 -12.13 4.14 23.84
C GLY B 113 -13.03 3.64 22.71
N HIS B 114 -12.66 3.99 21.49
CA HIS B 114 -13.41 3.60 20.29
C HIS B 114 -12.43 3.03 19.28
N ILE B 115 -12.47 1.71 19.10
CA ILE B 115 -11.62 1.04 18.12
C ILE B 115 -12.18 1.32 16.73
N THR B 116 -11.48 2.17 15.97
CA THR B 116 -11.96 2.53 14.64
C THR B 116 -11.79 1.37 13.66
N SER B 117 -10.56 0.88 13.51
CA SER B 117 -10.31 -0.18 12.54
C SER B 117 -9.05 -0.94 12.94
N LEU B 118 -8.95 -2.17 12.44
CA LEU B 118 -7.78 -3.02 12.67
C LEU B 118 -7.58 -3.86 11.41
N SER B 119 -6.58 -3.51 10.60
CA SER B 119 -6.39 -4.16 9.31
C SER B 119 -4.98 -4.73 9.24
N VAL B 120 -4.90 -6.06 9.11
CA VAL B 120 -3.63 -6.77 8.98
C VAL B 120 -3.69 -7.60 7.71
N MET B 121 -2.57 -7.69 7.01
CA MET B 121 -2.49 -8.48 5.78
C MET B 121 -2.84 -9.94 6.08
N ARG B 122 -3.71 -10.51 5.26
CA ARG B 122 -4.17 -11.87 5.48
C ARG B 122 -3.03 -12.88 5.35
N THR B 123 -2.06 -12.60 4.49
CA THR B 123 -0.93 -13.51 4.32
C THR B 123 0.00 -13.52 5.52
N TYR B 124 -0.06 -12.49 6.36
CA TYR B 124 0.79 -12.38 7.55
C TYR B 124 -0.11 -12.32 8.77
N ARG B 125 -0.64 -13.47 9.17
CA ARG B 125 -1.50 -13.59 10.33
C ARG B 125 -1.21 -14.90 11.04
N ARG B 126 -2.05 -15.24 12.02
CA ARG B 126 -1.97 -16.50 12.76
C ARG B 126 -0.62 -16.65 13.47
N MET B 127 -0.09 -15.53 13.98
CA MET B 127 1.17 -15.60 14.72
C MET B 127 1.33 -14.46 15.72
N GLY B 128 0.23 -13.86 16.18
CA GLY B 128 0.31 -12.81 17.19
C GLY B 128 0.68 -11.45 16.65
N ILE B 129 -0.27 -10.79 16.00
CA ILE B 129 -0.06 -9.45 15.47
C ILE B 129 -1.20 -8.54 15.91
N ALA B 130 -2.41 -8.87 15.47
CA ALA B 130 -3.58 -8.04 15.81
C ALA B 130 -3.86 -8.07 17.30
N GLU B 131 -3.67 -9.21 17.94
CA GLU B 131 -3.88 -9.30 19.38
C GLU B 131 -2.90 -8.39 20.13
N ASN B 132 -1.63 -8.43 19.74
CA ASN B 132 -0.62 -7.58 20.37
C ASN B 132 -0.92 -6.11 20.12
N LEU B 133 -1.35 -5.77 18.90
CA LEU B 133 -1.69 -4.39 18.58
C LEU B 133 -2.85 -3.91 19.44
N MET B 134 -3.89 -4.73 19.58
CA MET B 134 -5.03 -4.35 20.41
C MET B 134 -4.64 -4.20 21.87
N ARG B 135 -3.80 -5.11 22.38
CA ARG B 135 -3.37 -5.03 23.76
C ARG B 135 -2.56 -3.77 24.01
N GLN B 136 -1.63 -3.45 23.10
CA GLN B 136 -0.83 -2.24 23.25
C GLN B 136 -1.69 -1.00 23.17
N ALA B 137 -2.67 -0.98 22.26
CA ALA B 137 -3.55 0.19 22.14
C ALA B 137 -4.38 0.37 23.40
N LEU B 138 -4.95 -0.71 23.93
CA LEU B 138 -5.75 -0.60 25.14
C LEU B 138 -4.89 -0.15 26.33
N PHE B 139 -3.67 -0.69 26.44
CA PHE B 139 -2.78 -0.29 27.51
C PHE B 139 -2.42 1.19 27.42
N ALA B 140 -2.08 1.66 26.21
CA ALA B 140 -1.75 3.05 26.02
C ALA B 140 -2.93 3.96 26.33
N LEU B 141 -4.13 3.57 25.91
CA LEU B 141 -5.32 4.37 26.21
C LEU B 141 -5.57 4.43 27.71
N ARG B 142 -5.53 3.28 28.38
CA ARG B 142 -5.76 3.25 29.82
C ARG B 142 -4.71 4.04 30.58
N GLU B 143 -3.48 4.08 30.08
CA GLU B 143 -2.41 4.77 30.80
C GLU B 143 -2.39 6.27 30.52
N VAL B 144 -2.81 6.69 29.33
CA VAL B 144 -2.71 8.10 28.95
C VAL B 144 -4.07 8.79 29.05
N HIS B 145 -5.04 8.32 28.26
CA HIS B 145 -6.33 8.98 28.18
C HIS B 145 -7.28 8.58 29.29
N GLN B 146 -6.93 7.57 30.09
CA GLN B 146 -7.79 7.07 31.17
C GLN B 146 -9.15 6.66 30.62
N ALA B 147 -9.15 5.72 29.68
CA ALA B 147 -10.39 5.26 29.08
C ALA B 147 -11.18 4.41 30.07
N GLU B 148 -12.44 4.79 30.30
CA GLU B 148 -13.28 4.05 31.23
C GLU B 148 -13.65 2.68 30.68
N TYR B 149 -13.92 2.61 29.37
CA TYR B 149 -14.28 1.35 28.73
C TYR B 149 -13.90 1.43 27.25
N VAL B 150 -14.30 0.42 26.49
CA VAL B 150 -14.02 0.35 25.06
C VAL B 150 -15.26 -0.19 24.35
N SER B 151 -15.49 0.30 23.14
CA SER B 151 -16.60 -0.12 22.32
C SER B 151 -16.16 -0.19 20.87
N LEU B 152 -16.54 -1.28 20.19
CA LEU B 152 -16.15 -1.50 18.81
C LEU B 152 -17.27 -2.23 18.09
N HIS B 153 -17.04 -2.52 16.81
CA HIS B 153 -18.00 -3.23 15.97
C HIS B 153 -17.33 -4.42 15.32
N VAL B 154 -18.14 -5.44 15.02
CA VAL B 154 -17.65 -6.66 14.38
C VAL B 154 -18.72 -7.15 13.39
N ARG B 155 -18.28 -7.93 12.41
CA ARG B 155 -19.18 -8.47 11.40
C ARG B 155 -19.77 -9.80 11.86
N GLN B 156 -20.08 -10.68 10.92
CA GLN B 156 -20.66 -11.98 11.22
C GLN B 156 -20.00 -13.11 10.46
N SER B 157 -19.83 -12.98 9.14
CA SER B 157 -19.22 -14.05 8.37
C SER B 157 -17.73 -14.18 8.63
N ASN B 158 -17.08 -13.09 9.06
CA ASN B 158 -15.66 -13.09 9.36
C ASN B 158 -15.43 -13.84 10.68
N ARG B 159 -15.12 -15.13 10.59
CA ARG B 159 -14.89 -15.92 11.79
C ARG B 159 -13.58 -15.55 12.47
N ALA B 160 -12.61 -15.04 11.71
CA ALA B 160 -11.33 -14.65 12.29
C ALA B 160 -11.51 -13.49 13.27
N ALA B 161 -12.25 -12.46 12.87
CA ALA B 161 -12.50 -11.33 13.76
C ALA B 161 -13.30 -11.75 14.97
N LEU B 162 -14.25 -12.67 14.80
CA LEU B 162 -15.04 -13.16 15.93
C LEU B 162 -14.16 -13.89 16.92
N HIS B 163 -13.30 -14.79 16.43
CA HIS B 163 -12.41 -15.52 17.33
C HIS B 163 -11.37 -14.61 17.96
N LEU B 164 -11.03 -13.50 17.29
CA LEU B 164 -10.05 -12.57 17.84
C LEU B 164 -10.66 -11.71 18.94
N TYR B 165 -11.88 -11.22 18.74
CA TYR B 165 -12.50 -10.30 19.70
C TYR B 165 -13.25 -11.05 20.80
N ARG B 166 -14.25 -11.87 20.41
CA ARG B 166 -15.10 -12.51 21.40
C ARG B 166 -14.37 -13.65 22.13
N ASP B 167 -13.51 -14.38 21.42
CA ASP B 167 -12.86 -15.55 22.01
C ASP B 167 -11.46 -15.20 22.56
N THR B 168 -10.59 -14.65 21.71
CA THR B 168 -9.23 -14.37 22.14
C THR B 168 -9.19 -13.20 23.12
N LEU B 169 -9.58 -12.00 22.65
CA LEU B 169 -9.57 -10.83 23.52
C LEU B 169 -10.66 -10.88 24.58
N ALA B 170 -11.67 -11.75 24.41
CA ALA B 170 -12.75 -11.92 25.37
C ALA B 170 -13.48 -10.60 25.63
N PHE B 171 -14.29 -10.22 24.64
CA PHE B 171 -15.10 -9.00 24.71
C PHE B 171 -16.57 -9.37 24.84
N GLU B 172 -17.34 -8.44 25.41
CA GLU B 172 -18.76 -8.65 25.65
C GLU B 172 -19.58 -7.95 24.57
N VAL B 173 -20.59 -8.64 24.06
CA VAL B 173 -21.47 -8.10 23.04
C VAL B 173 -22.48 -7.17 23.70
N LEU B 174 -22.64 -5.96 23.14
CA LEU B 174 -23.56 -4.97 23.68
C LEU B 174 -24.89 -4.94 22.94
N SER B 175 -24.86 -4.80 21.62
CA SER B 175 -26.09 -4.68 20.84
C SER B 175 -25.85 -5.21 19.43
N ILE B 176 -26.93 -5.24 18.64
CA ILE B 176 -26.91 -5.70 17.26
C ILE B 176 -27.45 -4.57 16.38
N GLU B 177 -26.63 -4.09 15.47
CA GLU B 177 -27.01 -3.03 14.54
C GLU B 177 -27.42 -3.64 13.21
N LYS B 178 -28.63 -3.31 12.76
CA LYS B 178 -29.16 -3.83 11.52
C LYS B 178 -28.82 -2.88 10.37
N SER B 179 -28.17 -3.41 9.34
CA SER B 179 -27.78 -2.65 8.16
C SER B 179 -26.96 -1.42 8.53
N TYR B 180 -25.67 -1.63 8.80
CA TYR B 180 -24.76 -0.55 9.16
C TYR B 180 -23.71 -0.24 8.09
N TYR B 181 -23.24 -1.25 7.38
CA TYR B 181 -22.24 -1.06 6.34
C TYR B 181 -22.91 -0.68 5.02
N GLN B 182 -22.15 -0.69 3.93
CA GLN B 182 -22.70 -0.34 2.64
C GLN B 182 -23.42 -1.52 1.98
N ASP B 183 -22.97 -2.74 2.24
CA ASP B 183 -23.58 -3.93 1.66
C ASP B 183 -24.86 -4.34 2.36
N GLY B 184 -25.25 -3.65 3.43
CA GLY B 184 -26.46 -4.00 4.14
C GLY B 184 -26.34 -5.22 5.03
N GLU B 185 -25.16 -5.48 5.57
CA GLU B 185 -24.91 -6.63 6.43
C GLU B 185 -25.03 -6.21 7.89
N ASP B 186 -25.67 -7.06 8.69
CA ASP B 186 -25.83 -6.78 10.11
C ASP B 186 -24.48 -6.84 10.82
N ALA B 187 -24.36 -6.05 11.89
CA ALA B 187 -23.13 -5.98 12.66
C ALA B 187 -23.45 -6.13 14.14
N TYR B 188 -22.42 -6.49 14.91
CA TYR B 188 -22.52 -6.64 16.35
C TYR B 188 -21.65 -5.59 17.02
N ALA B 189 -22.27 -4.70 17.80
CA ALA B 189 -21.54 -3.70 18.55
C ALA B 189 -21.20 -4.27 19.92
N MET B 190 -19.91 -4.37 20.22
CA MET B 190 -19.42 -4.96 21.45
C MET B 190 -18.83 -3.88 22.36
N LYS B 191 -18.94 -4.11 23.67
CA LYS B 191 -18.50 -3.15 24.67
C LYS B 191 -17.92 -3.90 25.86
N LYS B 192 -16.82 -3.38 26.40
CA LYS B 192 -16.18 -3.99 27.56
C LYS B 192 -15.58 -2.91 28.44
N VAL B 193 -15.81 -3.02 29.75
CA VAL B 193 -15.26 -2.06 30.69
C VAL B 193 -13.76 -2.31 30.85
N LEU B 194 -12.96 -1.27 30.66
CA LEU B 194 -11.51 -1.36 30.76
C LEU B 194 -11.05 -1.06 32.19
N LYS B 195 -9.95 -1.68 32.58
CA LYS B 195 -9.35 -1.47 33.88
C LYS B 195 -7.85 -1.28 33.73
N LEU B 196 -7.18 -0.97 34.83
CA LEU B 196 -5.75 -0.73 34.85
C LEU B 196 -4.93 -1.95 35.27
N GLU B 197 -5.43 -2.71 36.25
CA GLU B 197 -4.72 -3.89 36.76
C GLU B 197 -5.16 -5.18 36.08
N GLU B 198 -5.34 -5.16 34.75
CA GLU B 198 -5.72 -6.36 34.03
C GLU B 198 -5.23 -6.28 32.59
N LEU B 199 -4.82 -5.10 32.15
CA LEU B 199 -4.34 -4.89 30.79
C LEU B 199 -2.82 -4.75 30.72
N GLN B 200 -2.11 -5.26 31.72
CA GLN B 200 -0.65 -5.17 31.72
C GLN B 200 -0.07 -6.22 30.77
N ILE B 201 0.98 -5.82 30.05
CA ILE B 201 1.61 -6.73 29.10
C ILE B 201 2.42 -7.79 29.83
N SER B 202 3.07 -7.40 30.93
CA SER B 202 3.87 -8.35 31.70
C SER B 202 3.04 -9.49 32.28
N ASN B 203 1.73 -9.30 32.44
CA ASN B 203 0.85 -10.35 32.91
C ASN B 203 0.35 -11.26 31.79
N PHE B 204 0.85 -11.07 30.57
CA PHE B 204 0.45 -11.90 29.42
C PHE B 204 1.66 -12.28 28.60
N THR B 205 2.76 -12.60 29.27
CA THR B 205 3.98 -13.00 28.57
C THR B 205 3.95 -14.47 28.13
N HIS B 206 3.12 -15.29 28.75
CA HIS B 206 2.99 -16.70 28.41
C HIS B 206 1.65 -16.94 27.74
N ARG B 207 1.66 -17.73 26.66
CA ARG B 207 0.44 -18.03 25.93
C ARG B 207 -0.42 -19.03 26.71
N ARG B 208 0.06 -20.27 26.81
CA ARG B 208 -0.65 -21.32 27.52
C ARG B 208 0.24 -21.88 28.64
N LEU B 209 -0.40 -22.58 29.57
CA LEU B 209 0.30 -23.18 30.70
C LEU B 209 -0.33 -24.53 31.03
N LYS B 210 0.44 -25.36 31.73
CA LYS B 210 -0.04 -26.69 32.12
C LYS B 210 -0.97 -26.59 33.32
N GLU B 211 -0.41 -26.34 34.51
CA GLU B 211 -1.22 -26.23 35.71
C GLU B 211 -0.62 -25.20 36.67
N ASN B 212 0.65 -25.40 37.04
CA ASN B 212 1.32 -24.48 37.96
C ASN B 212 2.79 -24.41 37.53
N GLU B 213 3.12 -23.41 36.72
CA GLU B 213 4.48 -23.23 36.23
C GLU B 213 5.19 -22.13 37.02
N GLU B 214 6.16 -21.47 36.39
CA GLU B 214 6.92 -20.39 37.02
C GLU B 214 6.93 -19.20 36.07
N LYS B 215 6.02 -18.26 36.30
CA LYS B 215 5.91 -17.06 35.47
C LYS B 215 6.93 -16.04 35.93
N LEU B 216 8.05 -15.96 35.22
CA LEU B 216 9.12 -15.02 35.56
C LEU B 216 8.92 -13.72 34.78
N GLU B 217 9.06 -12.60 35.47
CA GLU B 217 8.91 -11.28 34.88
C GLU B 217 10.21 -10.49 35.02
N ASP B 218 10.10 -9.17 34.92
CA ASP B 218 11.25 -8.27 35.00
C ASP B 218 11.14 -7.46 36.28
N ASP B 219 12.08 -7.66 37.19
CA ASP B 219 12.12 -6.95 38.47
C ASP B 219 13.10 -5.77 38.33
N LEU B 220 14.05 -5.57 39.24
CA LEU B 220 14.99 -4.45 39.11
C LEU B 220 16.16 -4.83 38.22
N GLU B 221 17.37 -4.81 38.76
CA GLU B 221 18.56 -5.17 38.01
C GLU B 221 18.76 -6.68 38.03
N SER B 222 19.33 -7.20 36.93
CA SER B 222 19.58 -8.62 36.79
C SER B 222 20.60 -8.88 35.70
N ASP B 223 20.55 -8.10 34.63
CA ASP B 223 21.49 -8.28 33.51
C ASP B 223 22.88 -7.74 33.81
N LEU B 224 23.00 -6.76 34.72
CA LEU B 224 24.28 -6.18 35.08
C LEU B 224 24.84 -6.75 36.38
N LEU B 225 24.35 -7.91 36.80
CA LEU B 225 24.79 -8.57 38.01
C LEU B 225 25.72 -9.74 37.66
N GLU B 226 25.93 -10.64 38.62
CA GLU B 226 26.79 -11.82 38.46
C GLU B 226 28.19 -11.33 38.12
N ASP B 227 28.82 -11.80 37.05
CA ASP B 227 30.16 -11.36 36.67
C ASP B 227 30.27 -11.44 35.15
N ILE B 228 31.49 -11.42 34.65
CA ILE B 228 31.73 -11.50 33.21
C ILE B 228 31.55 -12.93 32.75
N ILE B 229 30.84 -13.11 31.64
CA ILE B 229 30.58 -14.44 31.09
C ILE B 229 31.74 -14.74 30.15
N LYS B 230 32.88 -15.11 30.74
CA LYS B 230 34.06 -15.43 29.97
C LYS B 230 34.94 -16.43 30.72
N GLN B 231 34.92 -16.37 32.05
CA GLN B 231 35.73 -17.30 32.84
C GLN B 231 35.10 -17.60 34.21
N GLY B 232 33.78 -17.49 34.36
CA GLY B 232 33.11 -17.75 35.61
C GLY B 232 32.66 -19.19 35.73
N VAL B 233 31.86 -19.45 36.76
CA VAL B 233 31.34 -20.79 37.00
C VAL B 233 30.20 -21.11 36.04
N ASN B 234 29.31 -20.14 35.82
CA ASN B 234 28.18 -20.32 34.92
C ASN B 234 28.48 -19.87 33.50
N ASP B 235 29.75 -19.85 33.10
CA ASP B 235 30.15 -19.44 31.75
C ASP B 235 30.13 -20.67 30.85
N ILE B 236 28.93 -20.97 30.34
CA ILE B 236 28.71 -22.11 29.45
C ILE B 236 29.18 -23.41 30.09
N ARG C 3 -10.07 -25.82 21.95
CA ARG C 3 -11.19 -26.64 21.51
C ARG C 3 -10.70 -27.85 20.71
N ASP C 4 -11.65 -28.59 20.14
CA ASP C 4 -11.30 -29.77 19.35
C ASP C 4 -10.72 -29.36 18.00
N ILE C 5 -9.87 -30.23 17.45
CA ILE C 5 -9.25 -29.94 16.16
C ILE C 5 -10.23 -30.06 15.01
N CYS C 6 -11.30 -30.84 15.18
CA CYS C 6 -12.32 -31.01 14.16
C CYS C 6 -13.51 -30.11 14.51
N THR C 7 -13.72 -29.09 13.69
CA THR C 7 -14.81 -28.14 13.92
C THR C 7 -15.80 -28.18 12.77
N LEU C 8 -17.00 -27.67 13.04
CA LEU C 8 -18.07 -27.64 12.06
C LEU C 8 -18.43 -26.20 11.73
N ASP C 9 -18.85 -25.98 10.48
CA ASP C 9 -19.23 -24.64 10.05
C ASP C 9 -20.37 -24.73 9.04
N ASN C 10 -21.16 -23.68 8.97
CA ASN C 10 -22.25 -23.58 8.00
C ASN C 10 -21.71 -22.99 6.70
N VAL C 11 -21.94 -23.68 5.59
CA VAL C 11 -21.43 -23.24 4.30
C VAL C 11 -22.23 -22.01 3.86
N TYR C 12 -21.52 -20.91 3.61
CA TYR C 12 -22.15 -19.68 3.16
C TYR C 12 -22.16 -19.64 1.63
N ALA C 13 -22.44 -18.47 1.06
CA ALA C 13 -22.48 -18.29 -0.39
C ALA C 13 -21.15 -17.80 -0.95
N ASN C 14 -20.48 -16.87 -0.26
CA ASN C 14 -19.22 -16.33 -0.76
C ASN C 14 -18.17 -17.42 -0.93
N ASN C 15 -18.10 -18.35 0.03
CA ASN C 15 -17.20 -19.48 -0.04
C ASN C 15 -17.80 -20.67 -0.78
N LEU C 16 -18.99 -20.51 -1.38
CA LEU C 16 -19.63 -21.61 -2.07
C LEU C 16 -18.77 -22.13 -3.21
N GLY C 17 -18.00 -21.25 -3.86
CA GLY C 17 -17.10 -21.69 -4.91
C GLY C 17 -16.09 -22.72 -4.44
N MET C 18 -15.74 -22.70 -3.15
CA MET C 18 -14.86 -23.72 -2.61
C MET C 18 -15.55 -25.08 -2.60
N LEU C 19 -16.85 -25.11 -2.25
CA LEU C 19 -17.58 -26.37 -2.19
C LEU C 19 -17.58 -27.07 -3.55
N THR C 20 -17.80 -26.31 -4.63
CA THR C 20 -17.75 -26.89 -5.97
C THR C 20 -16.39 -27.51 -6.26
N LYS C 21 -15.32 -26.96 -5.66
CA LYS C 21 -14.00 -27.54 -5.85
C LYS C 21 -13.90 -28.92 -5.21
N LEU C 22 -14.63 -29.15 -4.10
CA LEU C 22 -14.55 -30.44 -3.42
C LEU C 22 -14.99 -31.57 -4.33
N ALA C 23 -16.06 -31.36 -5.10
CA ALA C 23 -16.54 -32.39 -6.03
C ALA C 23 -15.50 -32.72 -7.09
N HIS C 24 -14.49 -31.88 -7.28
CA HIS C 24 -13.43 -32.13 -8.24
C HIS C 24 -12.20 -32.77 -7.61
N VAL C 25 -12.17 -32.94 -6.29
CA VAL C 25 -11.02 -33.52 -5.61
C VAL C 25 -11.45 -34.71 -4.78
N THR C 26 -12.71 -35.14 -4.94
CA THR C 26 -13.21 -36.31 -4.23
C THR C 26 -13.66 -37.38 -5.19
N VAL C 27 -14.86 -37.23 -5.75
CA VAL C 27 -15.40 -38.19 -6.72
C VAL C 27 -15.60 -37.47 -8.05
N PRO C 28 -14.61 -37.48 -8.94
CA PRO C 28 -14.77 -36.82 -10.23
C PRO C 28 -15.77 -37.56 -11.11
N ASN C 29 -16.29 -36.84 -12.11
CA ASN C 29 -17.25 -37.36 -13.08
C ASN C 29 -18.49 -37.90 -12.37
N LEU C 30 -19.24 -36.96 -11.78
CA LEU C 30 -20.45 -37.30 -11.06
C LEU C 30 -21.37 -36.10 -10.93
N TYR C 31 -20.80 -34.92 -10.65
CA TYR C 31 -21.56 -33.71 -10.46
C TYR C 31 -21.26 -32.71 -11.57
N GLN C 32 -22.03 -31.62 -11.58
CA GLN C 32 -21.87 -30.56 -12.57
C GLN C 32 -21.59 -29.23 -11.90
N ASP C 33 -21.99 -28.13 -12.53
CA ASP C 33 -21.84 -26.79 -11.98
C ASP C 33 -23.17 -26.16 -11.57
N ALA C 34 -24.23 -26.39 -12.34
CA ALA C 34 -25.53 -25.86 -11.99
C ALA C 34 -26.08 -26.50 -10.71
N PHE C 35 -25.74 -27.77 -10.46
CA PHE C 35 -26.19 -28.44 -9.25
C PHE C 35 -25.68 -27.75 -8.00
N PHE C 36 -24.47 -27.18 -8.06
CA PHE C 36 -23.92 -26.42 -6.94
C PHE C 36 -24.26 -24.94 -7.01
N SER C 37 -24.57 -24.42 -8.20
CA SER C 37 -24.94 -23.01 -8.32
C SER C 37 -26.37 -22.75 -7.87
N ALA C 38 -27.27 -23.71 -8.04
CA ALA C 38 -28.66 -23.55 -7.66
C ALA C 38 -28.93 -23.88 -6.19
N LEU C 39 -27.88 -24.04 -5.38
CA LEU C 39 -28.08 -24.36 -3.97
C LEU C 39 -28.53 -23.12 -3.20
N PHE C 40 -27.84 -22.01 -3.39
CA PHE C 40 -28.16 -20.75 -2.72
C PHE C 40 -28.69 -19.69 -3.69
N ALA C 41 -29.34 -20.14 -4.77
CA ALA C 41 -29.89 -19.23 -5.77
C ALA C 41 -31.25 -18.75 -5.29
N GLU C 42 -31.33 -17.48 -4.91
CA GLU C 42 -32.58 -16.90 -4.43
C GLU C 42 -33.36 -16.28 -5.59
N LYS C 56 -37.56 -25.87 -4.52
CA LYS C 56 -38.00 -25.37 -3.22
C LYS C 56 -37.71 -26.39 -2.12
N ASP C 57 -36.73 -27.25 -2.35
CA ASP C 57 -36.36 -28.27 -1.38
C ASP C 57 -35.38 -27.71 -0.35
N VAL C 58 -35.45 -28.24 0.86
CA VAL C 58 -34.57 -27.81 1.94
C VAL C 58 -33.21 -28.45 1.76
N HIS C 59 -32.16 -27.63 1.81
CA HIS C 59 -30.79 -28.09 1.65
C HIS C 59 -29.99 -27.81 2.91
N PHE C 60 -29.27 -28.82 3.37
CA PHE C 60 -28.44 -28.73 4.57
C PHE C 60 -26.97 -28.83 4.14
N THR C 61 -26.18 -27.85 4.54
CA THR C 61 -24.76 -27.79 4.18
C THR C 61 -23.92 -27.78 5.46
N GLN C 62 -22.77 -28.47 5.39
CA GLN C 62 -21.88 -28.57 6.54
C GLN C 62 -20.44 -28.67 6.03
N MET C 63 -19.55 -27.88 6.62
CA MET C 63 -18.14 -27.88 6.26
C MET C 63 -17.33 -28.24 7.50
N ALA C 64 -16.57 -29.33 7.41
CA ALA C 64 -15.76 -29.83 8.51
C ALA C 64 -14.33 -29.34 8.34
N TYR C 65 -13.89 -28.50 9.28
CA TYR C 65 -12.53 -27.98 9.31
C TYR C 65 -11.66 -28.84 10.21
N TYR C 66 -10.43 -29.08 9.76
CA TYR C 66 -9.42 -29.79 10.55
C TYR C 66 -8.24 -28.84 10.75
N SER C 67 -8.12 -28.28 11.95
CA SER C 67 -7.10 -27.30 12.29
C SER C 67 -7.19 -26.08 11.36
N GLU C 68 -8.39 -25.50 11.32
CA GLU C 68 -8.67 -24.31 10.52
C GLU C 68 -8.36 -24.53 9.05
N ILE C 69 -8.63 -25.74 8.57
CA ILE C 69 -8.42 -26.09 7.16
C ILE C 69 -9.64 -26.85 6.66
N PRO C 70 -10.29 -26.39 5.58
CA PRO C 70 -11.45 -27.11 5.05
C PRO C 70 -11.06 -28.48 4.52
N VAL C 71 -11.57 -29.52 5.18
CA VAL C 71 -11.25 -30.90 4.79
C VAL C 71 -12.47 -31.74 4.47
N GLY C 72 -13.65 -31.44 4.99
CA GLY C 72 -14.82 -32.27 4.72
C GLY C 72 -16.01 -31.45 4.30
N GLY C 73 -16.84 -32.04 3.44
CA GLY C 73 -18.05 -31.37 2.99
C GLY C 73 -19.26 -32.29 2.96
N LEU C 74 -20.40 -31.81 3.44
CA LEU C 74 -21.63 -32.59 3.47
C LEU C 74 -22.77 -31.73 2.98
N VAL C 75 -23.42 -32.17 1.90
CA VAL C 75 -24.57 -31.48 1.32
C VAL C 75 -25.71 -32.49 1.19
N ALA C 76 -26.81 -32.24 1.88
CA ALA C 76 -27.95 -33.14 1.89
C ALA C 76 -29.21 -32.37 1.55
N LYS C 77 -30.24 -33.12 1.14
CA LYS C 77 -31.53 -32.56 0.76
C LYS C 77 -32.65 -33.27 1.53
N LEU C 78 -33.61 -32.49 2.01
CA LEU C 78 -34.74 -33.01 2.76
C LEU C 78 -35.95 -33.15 1.82
N VAL C 79 -36.61 -34.29 1.90
CA VAL C 79 -37.79 -34.55 1.07
C VAL C 79 -39.01 -34.71 1.99
N PRO C 80 -39.85 -33.67 2.11
CA PRO C 80 -41.02 -33.78 2.98
C PRO C 80 -42.17 -34.60 2.38
N LYS C 81 -42.08 -34.99 1.12
CA LYS C 81 -43.14 -35.74 0.48
C LYS C 81 -43.19 -37.17 1.02
N LYS C 82 -44.41 -37.72 1.08
CA LYS C 82 -44.61 -39.08 1.58
C LYS C 82 -45.81 -39.72 0.89
N GLN C 83 -46.61 -38.92 0.19
CA GLN C 83 -47.79 -39.45 -0.48
C GLN C 83 -47.40 -40.26 -1.71
N ASN C 84 -46.65 -39.66 -2.62
CA ASN C 84 -46.20 -40.32 -3.85
C ASN C 84 -44.83 -40.95 -3.68
N GLU C 85 -44.57 -41.56 -2.53
CA GLU C 85 -43.30 -42.20 -2.25
C GLU C 85 -43.54 -43.48 -1.44
N LEU C 86 -42.69 -44.47 -1.66
CA LEU C 86 -42.82 -45.75 -0.98
C LEU C 86 -42.52 -45.60 0.51
N SER C 87 -41.24 -45.68 0.88
CA SER C 87 -40.85 -45.59 2.28
C SER C 87 -39.38 -45.17 2.42
N LEU C 88 -39.12 -43.86 2.30
CA LEU C 88 -37.76 -43.35 2.45
C LEU C 88 -37.73 -41.87 2.80
N LYS C 89 -38.80 -41.36 3.42
CA LYS C 89 -38.87 -39.96 3.77
C LYS C 89 -37.84 -39.63 4.86
N GLY C 90 -36.90 -38.75 4.53
CA GLY C 90 -35.88 -38.36 5.48
C GLY C 90 -34.78 -37.57 4.78
N ILE C 91 -33.63 -37.50 5.44
CA ILE C 91 -32.49 -36.76 4.93
C ILE C 91 -31.82 -37.59 3.84
N GLN C 92 -31.60 -36.97 2.68
CA GLN C 92 -30.95 -37.62 1.54
C GLN C 92 -29.52 -37.12 1.46
N ILE C 93 -28.58 -37.93 1.92
CA ILE C 93 -27.16 -37.60 1.87
C ILE C 93 -26.71 -37.60 0.42
N GLU C 94 -26.58 -36.41 -0.17
CA GLU C 94 -26.19 -36.28 -1.57
C GLU C 94 -24.68 -36.25 -1.74
N PHE C 95 -24.05 -35.14 -1.38
CA PHE C 95 -22.61 -34.96 -1.54
C PHE C 95 -21.92 -35.21 -0.21
N LEU C 96 -20.97 -36.15 -0.20
CA LEU C 96 -20.17 -36.46 0.99
C LEU C 96 -18.72 -36.49 0.55
N GLY C 97 -18.05 -35.34 0.61
CA GLY C 97 -16.68 -35.23 0.17
C GLY C 97 -15.67 -35.26 1.29
N VAL C 98 -14.84 -36.30 1.33
CA VAL C 98 -13.78 -36.45 2.31
C VAL C 98 -12.49 -36.79 1.57
N LEU C 99 -11.45 -36.00 1.79
CA LEU C 99 -10.19 -36.22 1.10
C LEU C 99 -9.54 -37.52 1.59
N PRO C 100 -8.85 -38.25 0.71
CA PRO C 100 -8.20 -39.49 1.15
C PRO C 100 -7.11 -39.25 2.19
N ASN C 101 -6.43 -38.11 2.14
CA ASN C 101 -5.39 -37.81 3.12
C ASN C 101 -5.95 -37.43 4.49
N TYR C 102 -7.24 -37.11 4.57
CA TYR C 102 -7.87 -36.76 5.85
C TYR C 102 -8.85 -37.84 6.27
N ARG C 103 -8.36 -39.04 6.54
CA ARG C 103 -9.19 -40.16 6.95
C ARG C 103 -8.63 -40.77 8.24
N HIS C 104 -9.32 -41.79 8.74
CA HIS C 104 -8.94 -42.50 9.96
C HIS C 104 -8.85 -41.56 11.16
N LYS C 105 -9.68 -40.52 11.18
CA LYS C 105 -9.70 -39.58 12.29
C LYS C 105 -11.13 -39.26 12.73
N SER C 106 -12.06 -40.19 12.50
CA SER C 106 -13.46 -40.04 12.89
C SER C 106 -14.10 -38.80 12.27
N ILE C 107 -13.60 -38.37 11.11
CA ILE C 107 -14.21 -37.23 10.43
C ILE C 107 -15.54 -37.64 9.81
N GLY C 108 -15.56 -38.75 9.07
CA GLY C 108 -16.81 -39.25 8.54
C GLY C 108 -17.79 -39.64 9.63
N SER C 109 -17.27 -40.13 10.76
CA SER C 109 -18.15 -40.45 11.89
C SER C 109 -18.82 -39.18 12.43
N LYS C 110 -18.07 -38.10 12.56
CA LYS C 110 -18.65 -36.84 13.02
C LYS C 110 -19.64 -36.29 12.00
N LEU C 111 -19.35 -36.44 10.71
CA LEU C 111 -20.28 -35.99 9.68
C LEU C 111 -21.58 -36.79 9.75
N LEU C 112 -21.49 -38.10 9.92
CA LEU C 112 -22.69 -38.92 10.03
C LEU C 112 -23.47 -38.60 11.31
N LYS C 113 -22.76 -38.30 12.40
CA LYS C 113 -23.43 -37.92 13.64
C LYS C 113 -24.18 -36.59 13.47
N PHE C 114 -23.55 -35.62 12.79
CA PHE C 114 -24.23 -34.35 12.53
C PHE C 114 -25.44 -34.55 11.63
N ALA C 115 -25.31 -35.43 10.62
CA ALA C 115 -26.44 -35.71 9.73
C ALA C 115 -27.59 -36.36 10.51
N GLU C 116 -27.28 -37.30 11.40
CA GLU C 116 -28.32 -37.94 12.20
C GLU C 116 -28.96 -36.95 13.16
N ASP C 117 -28.17 -36.03 13.71
CA ASP C 117 -28.73 -35.01 14.59
C ASP C 117 -29.68 -34.09 13.84
N LYS C 118 -29.28 -33.65 12.64
CA LYS C 118 -30.16 -32.80 11.84
C LYS C 118 -31.40 -33.56 11.37
N CYS C 119 -31.28 -34.88 11.17
CA CYS C 119 -32.45 -35.67 10.80
C CYS C 119 -33.41 -35.81 11.97
N SER C 120 -32.88 -35.99 13.18
CA SER C 120 -33.73 -36.10 14.36
C SER C 120 -34.37 -34.76 14.72
N GLU C 121 -33.68 -33.65 14.44
CA GLU C 121 -34.24 -32.34 14.73
C GLU C 121 -35.33 -31.93 13.75
N CYS C 122 -35.41 -32.60 12.59
CA CYS C 122 -36.42 -32.30 11.59
C CYS C 122 -37.61 -33.26 11.63
N HIS C 123 -37.81 -33.93 12.77
CA HIS C 123 -38.93 -34.86 12.96
C HIS C 123 -38.92 -35.97 11.91
N GLN C 124 -37.74 -36.54 11.69
CA GLN C 124 -37.57 -37.63 10.74
C GLN C 124 -36.84 -38.78 11.44
N HIS C 125 -37.06 -39.99 10.92
CA HIS C 125 -36.49 -41.19 11.52
C HIS C 125 -36.05 -42.16 10.42
N ASN C 126 -35.40 -41.64 9.38
CA ASN C 126 -34.92 -42.47 8.29
C ASN C 126 -33.86 -41.71 7.51
N VAL C 127 -32.72 -42.34 7.27
CA VAL C 127 -31.62 -41.76 6.50
C VAL C 127 -31.20 -42.76 5.43
N PHE C 128 -31.34 -42.37 4.17
CA PHE C 128 -30.98 -43.21 3.04
C PHE C 128 -29.91 -42.54 2.21
N VAL C 129 -28.99 -43.33 1.67
CA VAL C 129 -27.87 -42.82 0.89
C VAL C 129 -27.64 -43.73 -0.31
N TYR C 130 -27.18 -43.13 -1.41
CA TYR C 130 -26.87 -43.86 -2.63
C TYR C 130 -25.36 -44.01 -2.77
N LEU C 131 -24.92 -45.19 -3.18
CA LEU C 131 -23.51 -45.49 -3.33
C LEU C 131 -23.25 -46.18 -4.66
N PRO C 132 -22.05 -46.03 -5.22
CA PRO C 132 -21.73 -46.74 -6.46
C PRO C 132 -21.67 -48.24 -6.25
N ALA C 133 -21.83 -48.98 -7.35
CA ALA C 133 -21.80 -50.44 -7.33
C ALA C 133 -20.41 -51.01 -7.59
N VAL C 134 -19.49 -50.21 -8.15
CA VAL C 134 -18.15 -50.67 -8.46
C VAL C 134 -17.15 -50.27 -7.39
N ASP C 135 -17.63 -49.88 -6.21
CA ASP C 135 -16.78 -49.48 -5.09
C ASP C 135 -17.12 -50.34 -3.89
N ASP C 136 -16.12 -51.06 -3.37
CA ASP C 136 -16.32 -51.95 -2.23
C ASP C 136 -15.79 -51.39 -0.93
N LEU C 137 -14.69 -50.62 -0.97
CA LEU C 137 -14.14 -50.05 0.25
C LEU C 137 -15.09 -49.06 0.89
N THR C 138 -15.63 -48.13 0.08
CA THR C 138 -16.59 -47.17 0.59
C THR C 138 -17.87 -47.85 1.06
N LYS C 139 -18.29 -48.91 0.35
CA LYS C 139 -19.47 -49.67 0.76
C LYS C 139 -19.26 -50.28 2.14
N GLN C 140 -18.12 -50.96 2.34
CA GLN C 140 -17.85 -51.55 3.64
C GLN C 140 -17.68 -50.49 4.73
N TRP C 141 -17.11 -49.33 4.39
CA TRP C 141 -16.97 -48.26 5.36
C TRP C 141 -18.32 -47.72 5.82
N PHE C 142 -19.27 -47.57 4.88
CA PHE C 142 -20.59 -47.10 5.26
C PHE C 142 -21.42 -48.20 5.94
N ILE C 143 -21.14 -49.47 5.65
CA ILE C 143 -21.84 -50.55 6.31
C ILE C 143 -21.36 -50.71 7.74
N ALA C 144 -20.06 -50.48 7.98
CA ALA C 144 -19.51 -50.63 9.32
C ALA C 144 -20.11 -49.65 10.31
N HIS C 145 -20.67 -48.53 9.84
CA HIS C 145 -21.30 -47.57 10.74
C HIS C 145 -22.63 -48.11 11.26
N GLY C 146 -23.45 -48.67 10.37
CA GLY C 146 -24.72 -49.23 10.78
C GLY C 146 -25.82 -49.02 9.75
N PHE C 147 -25.55 -49.38 8.50
CA PHE C 147 -26.51 -49.25 7.41
C PHE C 147 -27.00 -50.61 6.97
N GLU C 148 -28.11 -50.62 6.22
CA GLU C 148 -28.71 -51.83 5.69
C GLU C 148 -28.97 -51.64 4.21
N GLN C 149 -28.58 -52.62 3.40
CA GLN C 149 -28.78 -52.54 1.96
C GLN C 149 -30.25 -52.77 1.61
N VAL C 150 -30.75 -51.98 0.67
CA VAL C 150 -32.14 -52.07 0.22
C VAL C 150 -32.16 -52.88 -1.06
N GLY C 151 -32.49 -54.17 -0.95
CA GLY C 151 -32.55 -55.01 -2.13
C GLY C 151 -31.17 -55.29 -2.67
N GLU C 152 -31.01 -55.07 -3.98
CA GLU C 152 -29.73 -55.30 -4.64
C GLU C 152 -29.20 -54.02 -5.25
N THR C 153 -29.23 -53.92 -6.57
CA THR C 153 -28.75 -52.75 -7.30
C THR C 153 -29.89 -52.14 -8.10
N VAL C 154 -29.62 -50.96 -8.66
CA VAL C 154 -30.58 -50.21 -9.47
C VAL C 154 -30.01 -50.11 -10.88
N ASN C 155 -30.80 -50.55 -11.86
CA ASN C 155 -30.37 -50.53 -13.25
C ASN C 155 -30.40 -49.10 -13.79
N ASN C 156 -29.23 -48.59 -14.16
CA ASN C 156 -29.08 -47.25 -14.73
C ASN C 156 -29.61 -46.18 -13.80
N PHE C 157 -28.78 -45.74 -12.87
CA PHE C 157 -29.16 -44.69 -11.93
C PHE C 157 -28.14 -43.57 -11.84
N ILE C 158 -26.85 -43.89 -11.90
CA ILE C 158 -25.79 -42.89 -11.81
C ILE C 158 -25.51 -42.36 -13.20
N LYS C 159 -25.54 -41.03 -13.34
CA LYS C 159 -25.26 -40.36 -14.60
C LYS C 159 -23.98 -39.56 -14.47
N GLY C 160 -23.04 -39.78 -15.39
CA GLY C 160 -21.76 -39.09 -15.37
C GLY C 160 -21.78 -37.78 -16.14
N VAL C 161 -20.60 -37.20 -16.28
CA VAL C 161 -20.46 -35.94 -17.00
C VAL C 161 -20.48 -36.17 -18.50
N ASN C 162 -19.61 -37.07 -18.98
CA ASN C 162 -19.57 -37.35 -20.42
C ASN C 162 -20.75 -38.19 -20.88
N GLY C 163 -21.33 -39.01 -20.01
CA GLY C 163 -22.47 -39.82 -20.38
C GLY C 163 -22.37 -41.26 -19.90
N ASP C 164 -21.44 -41.51 -18.98
CA ASP C 164 -21.26 -42.85 -18.44
C ASP C 164 -22.36 -43.18 -17.46
N GLU C 165 -22.87 -44.41 -17.55
CA GLU C 165 -23.94 -44.89 -16.67
C GLU C 165 -23.51 -46.17 -15.99
N GLN C 166 -23.95 -46.34 -14.74
CA GLN C 166 -23.62 -47.53 -13.97
C GLN C 166 -24.73 -47.77 -12.95
N ASP C 167 -24.59 -48.87 -12.21
CA ASP C 167 -25.58 -49.23 -11.20
C ASP C 167 -25.29 -48.51 -9.90
N ALA C 168 -26.28 -48.54 -9.00
CA ALA C 168 -26.17 -47.90 -7.70
C ALA C 168 -26.88 -48.74 -6.65
N ILE C 169 -26.44 -48.59 -5.40
CA ILE C 169 -27.01 -49.32 -4.28
C ILE C 169 -27.53 -48.30 -3.26
N LEU C 170 -28.54 -48.73 -2.50
CA LEU C 170 -29.19 -47.89 -1.50
C LEU C 170 -28.92 -48.45 -0.11
N LEU C 171 -28.48 -47.59 0.80
CA LEU C 171 -28.21 -47.96 2.18
C LEU C 171 -29.07 -47.10 3.09
N LYS C 172 -29.91 -47.75 3.89
CA LYS C 172 -30.85 -47.07 4.77
C LYS C 172 -30.51 -47.33 6.22
N LYS C 173 -30.96 -46.41 7.08
CA LYS C 173 -30.78 -46.54 8.52
C LYS C 173 -31.96 -45.87 9.23
N HIS C 174 -32.45 -46.52 10.28
CA HIS C 174 -33.55 -46.01 11.07
C HIS C 174 -33.00 -45.27 12.30
N ILE C 175 -33.46 -44.03 12.49
CA ILE C 175 -33.02 -43.20 13.58
C ILE C 175 -34.04 -43.28 14.71
N SER C 176 -33.57 -43.56 15.92
CA SER C 176 -34.44 -43.67 17.08
C SER C 176 -34.90 -42.29 17.55
#